data_4BZH
#
_entry.id   4BZH
#
_cell.length_a   82.194
_cell.length_b   83.291
_cell.length_c   124.754
_cell.angle_alpha   90.00
_cell.angle_beta   90.00
_cell.angle_gamma   90.00
#
_symmetry.space_group_name_H-M   'P 21 21 2'
#
loop_
_entity.id
_entity.type
_entity.pdbx_description
1 polymer 'ALDOSE 1-EPIMERASE'
2 branched alpha-D-glucopyranose-(1-1)-alpha-D-glucopyranose
3 branched alpha-D-glucopyranose-(1-4)-alpha-D-glucopyranose
4 non-polymer GLYCEROL
5 non-polymer 'CITRIC ACID'
6 water water
#
_entity_poly.entity_id   1
_entity_poly.type   'polypeptide(L)'
_entity_poly.pdbx_seq_one_letter_code
;ANFIEKITYLGTPAIKAGNEHLEMIVVPEWGSNVISLVDKTTNVQLLREPETAESFHDTPTLYGIPILFPPNRISDGTFS
FRGRTYHFDINEKDKHNHLHGFLYHEKWNVVTTKQTDEGVIVETEIDLSELPHVQKQFPHHAVVRMTYTIKENTLFKHAT
VMNKGKEAFPWGIGYHTTFIFPAESSLFSLTADQQWELDERLLPTGKLMDVPYKEALHEGMDLRHKQLDDVFLSSYQKRG
GENQAVIYHQHAHISIIYKADEQFKHWVVYNADGKQGYLCPEPYTWVTNAVNLDLPSSLTGLQVLEPGEETTAKSSITIE
LNHQ
;
_entity_poly.pdbx_strand_id   A,B
#
# COMPACT_ATOMS: atom_id res chain seq x y z
N ALA A 1 -0.69 -3.27 -16.40
CA ALA A 1 0.35 -3.14 -15.35
C ALA A 1 0.00 -1.94 -14.49
N ASN A 2 0.08 -2.11 -13.18
CA ASN A 2 -0.26 -1.06 -12.25
C ASN A 2 0.50 -1.21 -10.93
N PHE A 3 0.59 -0.12 -10.17
CA PHE A 3 1.46 -0.07 -9.00
C PHE A 3 0.91 0.89 -7.94
N ILE A 4 1.21 0.58 -6.69
CA ILE A 4 1.09 1.51 -5.58
C ILE A 4 2.48 1.73 -5.01
N GLU A 5 2.74 2.93 -4.52
CA GLU A 5 4.03 3.26 -3.91
C GLU A 5 3.79 4.31 -2.85
N LYS A 6 4.23 4.04 -1.62
CA LYS A 6 4.14 5.05 -0.56
C LYS A 6 5.27 6.10 -0.69
N ILE A 7 4.90 7.37 -0.55
CA ILE A 7 5.83 8.47 -0.76
C ILE A 7 5.65 9.58 0.29
N THR A 8 6.46 10.62 0.17
CA THR A 8 6.29 11.78 1.01
C THR A 8 5.96 12.97 0.13
N TYR A 9 4.77 13.55 0.31
CA TYR A 9 4.41 14.77 -0.43
C TYR A 9 4.50 16.02 0.44
N LEU A 10 5.50 16.86 0.15
CA LEU A 10 5.79 18.03 0.99
C LEU A 10 5.67 17.67 2.48
N GLY A 11 6.50 16.73 2.92
CA GLY A 11 6.56 16.34 4.31
C GLY A 11 5.35 15.64 4.90
N THR A 12 4.35 15.34 4.06
CA THR A 12 3.21 14.53 4.52
C THR A 12 3.30 13.17 3.86
N PRO A 13 2.93 12.10 4.59
CA PRO A 13 2.81 10.78 3.95
C PRO A 13 1.78 10.85 2.83
N ALA A 14 1.96 10.01 1.82
CA ALA A 14 1.05 10.01 0.69
C ALA A 14 1.20 8.74 -0.12
N ILE A 15 0.22 8.47 -0.97
CA ILE A 15 0.26 7.30 -1.80
C ILE A 15 0.18 7.65 -3.27
N LYS A 16 1.20 7.24 -4.01
CA LYS A 16 1.19 7.29 -5.47
C LYS A 16 0.65 5.97 -6.00
N ALA A 17 -0.24 6.05 -6.97
CA ALA A 17 -0.77 4.86 -7.60
C ALA A 17 -0.99 5.13 -9.07
N GLY A 18 -0.83 4.10 -9.90
CA GLY A 18 -1.23 4.27 -11.29
C GLY A 18 -0.90 3.13 -12.21
N ASN A 19 -1.18 3.33 -13.49
CA ASN A 19 -0.82 2.39 -14.53
C ASN A 19 0.05 3.09 -15.56
N GLU A 20 0.07 2.58 -16.77
CA GLU A 20 0.90 3.16 -17.82
C GLU A 20 0.29 4.43 -18.43
N HIS A 21 -0.96 4.75 -18.06
CA HIS A 21 -1.67 5.89 -18.63
C HIS A 21 -1.80 7.08 -17.71
N LEU A 22 -2.05 6.82 -16.43
CA LEU A 22 -2.34 7.84 -15.42
C LEU A 22 -1.74 7.53 -14.05
N GLU A 23 -1.16 8.54 -13.40
CA GLU A 23 -0.70 8.45 -11.99
C GLU A 23 -1.47 9.41 -11.10
N MET A 24 -1.89 8.93 -9.94
CA MET A 24 -2.47 9.80 -8.92
C MET A 24 -1.57 9.87 -7.69
N ILE A 25 -1.69 10.96 -6.93
CA ILE A 25 -1.18 11.01 -5.57
C ILE A 25 -2.31 11.44 -4.64
N VAL A 26 -2.62 10.61 -3.66
CA VAL A 26 -3.61 10.98 -2.67
C VAL A 26 -2.91 11.20 -1.32
N VAL A 27 -3.26 12.29 -0.63
CA VAL A 27 -2.70 12.63 0.67
C VAL A 27 -3.78 12.49 1.76
N PRO A 28 -3.83 11.32 2.46
CA PRO A 28 -4.89 11.08 3.42
C PRO A 28 -5.00 12.14 4.52
N GLU A 29 -3.87 12.63 5.00
CA GLU A 29 -3.88 13.63 6.06
C GLU A 29 -4.43 14.98 5.61
N TRP A 30 -4.43 15.23 4.32
CA TRP A 30 -4.88 16.51 3.82
C TRP A 30 -6.31 16.46 3.36
N GLY A 31 -7.18 15.82 4.16
CA GLY A 31 -8.56 15.60 3.74
C GLY A 31 -8.73 14.64 2.55
N SER A 32 -7.88 13.61 2.46
CA SER A 32 -7.93 12.63 1.35
C SER A 32 -8.00 13.34 0.00
N ASN A 33 -7.14 14.34 -0.17
CA ASN A 33 -7.14 15.17 -1.35
C ASN A 33 -6.27 14.47 -2.34
N VAL A 34 -6.81 14.26 -3.53
CA VAL A 34 -6.06 13.76 -4.65
C VAL A 34 -5.36 14.98 -5.24
N ILE A 35 -4.09 15.12 -4.85
CA ILE A 35 -3.30 16.34 -5.06
C ILE A 35 -2.61 16.41 -6.40
N SER A 36 -2.51 15.26 -7.08
CA SER A 36 -1.84 15.19 -8.37
C SER A 36 -2.49 14.17 -9.21
N LEU A 37 -2.63 14.51 -10.49
CA LEU A 37 -3.12 13.59 -11.53
C LEU A 37 -2.32 13.85 -12.78
N VAL A 38 -1.51 12.86 -13.18
CA VAL A 38 -0.54 13.01 -14.27
C VAL A 38 -0.87 12.13 -15.48
N ASP A 39 -0.85 12.73 -16.67
CA ASP A 39 -0.96 11.97 -17.90
C ASP A 39 0.41 11.43 -18.33
N LYS A 40 0.63 10.15 -18.13
CA LYS A 40 1.94 9.53 -18.35
C LYS A 40 2.41 9.50 -19.82
N THR A 41 1.51 9.43 -20.78
CA THR A 41 1.97 9.43 -22.16
C THR A 41 2.60 10.80 -22.50
N THR A 42 1.86 11.89 -22.28
CA THR A 42 2.37 13.23 -22.55
C THR A 42 3.22 13.79 -21.39
N ASN A 43 3.19 13.11 -20.24
CA ASN A 43 3.85 13.55 -18.99
C ASN A 43 3.45 14.94 -18.45
N VAL A 44 2.14 15.24 -18.48
CA VAL A 44 1.66 16.52 -18.00
C VAL A 44 0.78 16.35 -16.76
N GLN A 45 0.99 17.26 -15.79
CA GLN A 45 0.19 17.36 -14.60
C GLN A 45 -1.13 18.02 -14.98
N LEU A 46 -2.25 17.50 -14.47
CA LEU A 46 -3.56 18.07 -14.81
C LEU A 46 -4.16 18.95 -13.70
N LEU A 47 -3.70 18.73 -12.47
CA LEU A 47 -4.22 19.38 -11.29
C LEU A 47 -3.35 20.53 -10.79
N ARG A 48 -3.96 21.52 -10.15
CA ARG A 48 -3.18 22.60 -9.54
C ARG A 48 -2.57 22.08 -8.25
N GLU A 49 -1.23 22.02 -8.24
CA GLU A 49 -0.46 21.60 -7.08
C GLU A 49 0.09 22.78 -6.27
N PRO A 50 0.22 22.62 -4.93
CA PRO A 50 0.73 23.68 -4.06
C PRO A 50 2.26 23.74 -4.05
N GLU A 51 2.79 24.96 -3.92
CA GLU A 51 4.23 25.18 -3.91
C GLU A 51 4.86 24.57 -2.67
N THR A 52 4.21 24.81 -1.54
CA THR A 52 4.73 24.45 -0.23
C THR A 52 3.58 23.96 0.62
N ALA A 53 3.87 23.08 1.57
CA ALA A 53 2.84 22.59 2.48
C ALA A 53 2.00 23.75 3.03
N GLU A 54 2.67 24.83 3.42
CA GLU A 54 2.05 26.02 4.03
C GLU A 54 0.99 26.69 3.15
N SER A 55 1.34 26.95 1.90
CA SER A 55 0.42 27.57 0.96
C SER A 55 -0.77 26.66 0.61
N PHE A 56 -0.59 25.35 0.83
CA PHE A 56 -1.70 24.40 0.69
C PHE A 56 -2.70 24.60 1.82
N HIS A 57 -2.16 24.76 3.04
CA HIS A 57 -2.96 25.05 4.20
C HIS A 57 -3.59 26.42 4.15
N ASP A 58 -2.94 27.39 3.52
CA ASP A 58 -3.59 28.71 3.38
C ASP A 58 -4.94 28.55 2.69
N THR A 59 -4.97 27.74 1.63
CA THR A 59 -6.16 27.55 0.84
C THR A 59 -6.33 26.08 0.45
N PRO A 60 -6.84 25.23 1.38
CA PRO A 60 -6.88 23.79 1.12
C PRO A 60 -7.98 23.34 0.16
N THR A 61 -8.85 24.25 -0.28
CA THR A 61 -9.88 23.89 -1.28
C THR A 61 -9.52 24.32 -2.71
N LEU A 62 -8.35 24.93 -2.87
CA LEU A 62 -7.93 25.40 -4.18
C LEU A 62 -6.76 24.61 -4.78
N TYR A 63 -6.55 23.36 -4.34
CA TYR A 63 -5.52 22.46 -4.89
C TYR A 63 -6.06 21.06 -5.07
N GLY A 64 -5.76 20.43 -6.20
CA GLY A 64 -6.15 19.04 -6.49
C GLY A 64 -7.64 18.78 -6.42
N ILE A 65 -8.03 17.70 -5.72
CA ILE A 65 -9.44 17.35 -5.53
C ILE A 65 -9.87 17.40 -4.04
N PRO A 66 -10.23 18.58 -3.54
CA PRO A 66 -10.75 18.70 -2.18
C PRO A 66 -12.20 18.23 -2.11
N ILE A 67 -12.53 17.52 -1.03
CA ILE A 67 -13.83 16.88 -0.82
C ILE A 67 -14.69 17.83 0.01
N LEU A 68 -15.91 18.13 -0.45
CA LEU A 68 -16.74 19.14 0.23
C LEU A 68 -18.02 18.52 0.78
N PHE A 69 -17.99 18.27 2.08
CA PHE A 69 -19.05 17.54 2.75
C PHE A 69 -19.54 18.31 3.97
N PRO A 70 -20.69 19.02 3.80
CA PRO A 70 -21.38 19.21 2.49
C PRO A 70 -20.79 20.40 1.67
N PRO A 71 -21.22 20.61 0.41
CA PRO A 71 -20.49 21.65 -0.29
C PRO A 71 -21.04 23.06 -0.20
N ASN A 72 -20.11 24.00 -0.23
CA ASN A 72 -20.40 25.41 -0.38
C ASN A 72 -21.09 25.98 0.85
N ARG A 73 -21.93 26.97 0.65
CA ARG A 73 -22.53 27.72 1.74
C ARG A 73 -23.80 27.13 2.38
N ILE A 74 -23.87 27.25 3.70
CA ILE A 74 -25.10 27.23 4.50
C ILE A 74 -25.18 28.62 5.11
N SER A 75 -26.32 29.31 4.99
CA SER A 75 -26.39 30.68 5.50
C SER A 75 -26.35 30.72 7.04
N ASP A 76 -25.61 31.67 7.62
CA ASP A 76 -25.47 31.78 9.09
C ASP A 76 -25.12 30.45 9.76
N GLY A 77 -24.63 29.50 8.97
CA GLY A 77 -24.36 28.15 9.44
C GLY A 77 -25.57 27.43 10.04
N THR A 78 -26.78 27.91 9.74
CA THR A 78 -28.01 27.43 10.40
C THR A 78 -29.02 26.83 9.42
N PHE A 79 -29.52 25.64 9.76
CA PHE A 79 -30.61 25.04 9.03
C PHE A 79 -31.40 24.18 10.01
N SER A 80 -32.58 23.72 9.57
CA SER A 80 -33.35 22.78 10.37
C SER A 80 -33.63 21.54 9.54
N PHE A 81 -33.62 20.39 10.18
CA PHE A 81 -34.02 19.15 9.54
C PHE A 81 -34.96 18.41 10.48
N ARG A 82 -36.10 17.99 9.96
CA ARG A 82 -37.12 17.29 10.76
C ARG A 82 -37.30 17.90 12.13
N GLY A 83 -37.65 19.19 12.16
CA GLY A 83 -37.99 19.88 13.42
C GLY A 83 -36.79 20.40 14.20
N ARG A 84 -35.65 19.72 14.04
CA ARG A 84 -34.41 19.95 14.77
C ARG A 84 -33.50 21.00 14.10
N THR A 85 -33.03 21.99 14.87
CA THR A 85 -32.12 23.04 14.35
C THR A 85 -30.64 22.75 14.56
N TYR A 86 -29.81 23.23 13.62
CA TYR A 86 -28.38 22.96 13.61
C TYR A 86 -27.59 24.25 13.54
N HIS A 87 -26.36 24.20 14.05
CA HIS A 87 -25.48 25.38 14.04
C HIS A 87 -24.07 24.95 13.71
N PHE A 88 -23.57 25.44 12.58
CA PHE A 88 -22.24 25.10 12.09
C PHE A 88 -21.38 26.34 12.22
N ASP A 89 -20.10 26.15 12.52
CA ASP A 89 -19.13 27.25 12.51
C ASP A 89 -19.26 28.10 11.27
N ILE A 90 -19.35 29.41 11.50
CA ILE A 90 -19.43 30.40 10.43
C ILE A 90 -17.99 30.81 10.07
N ASN A 91 -17.31 29.95 9.31
CA ASN A 91 -15.94 30.22 8.87
C ASN A 91 -15.80 31.29 7.79
N GLU A 92 -16.89 31.63 7.09
CA GLU A 92 -16.85 32.75 6.13
C GLU A 92 -17.57 33.98 6.68
N LYS A 93 -16.78 34.93 7.16
CA LYS A 93 -17.26 36.00 8.07
C LYS A 93 -17.92 37.21 7.41
N ASP A 94 -17.39 37.65 6.27
CA ASP A 94 -18.04 38.74 5.55
C ASP A 94 -19.44 38.31 5.11
N LYS A 95 -19.55 37.17 4.44
CA LYS A 95 -20.83 36.71 3.96
C LYS A 95 -21.63 35.91 5.00
N HIS A 96 -21.03 35.71 6.18
CA HIS A 96 -21.72 35.11 7.34
C HIS A 96 -22.29 33.75 7.01
N ASN A 97 -21.43 32.93 6.41
CA ASN A 97 -21.78 31.56 6.05
C ASN A 97 -20.86 30.56 6.73
N HIS A 98 -21.32 29.32 6.83
CA HIS A 98 -20.43 28.18 6.87
C HIS A 98 -20.09 27.82 5.46
N LEU A 99 -18.81 27.54 5.22
CA LEU A 99 -18.30 27.28 3.87
C LEU A 99 -17.50 25.99 3.80
N HIS A 100 -17.95 25.11 2.90
CA HIS A 100 -17.18 23.96 2.41
C HIS A 100 -17.05 22.73 3.28
N GLY A 101 -17.84 22.67 4.35
CA GLY A 101 -18.02 21.42 5.10
C GLY A 101 -16.92 21.02 6.05
N PHE A 102 -16.90 19.73 6.41
CA PHE A 102 -16.11 19.22 7.54
C PHE A 102 -14.80 18.50 7.20
N LEU A 103 -14.68 17.96 6.00
CA LEU A 103 -13.72 16.87 5.73
C LEU A 103 -12.46 17.22 4.94
N TYR A 104 -12.38 18.46 4.47
CA TYR A 104 -11.26 18.91 3.63
C TYR A 104 -9.97 19.16 4.40
N HIS A 105 -10.08 19.40 5.70
CA HIS A 105 -8.97 19.79 6.61
C HIS A 105 -8.80 18.74 7.72
N GLU A 106 -9.06 17.48 7.40
CA GLU A 106 -9.02 16.40 8.42
C GLU A 106 -8.18 15.22 7.97
N LYS A 107 -7.79 14.36 8.92
CA LYS A 107 -6.99 13.15 8.63
C LYS A 107 -7.92 12.01 8.29
N TRP A 108 -7.80 11.48 7.07
CA TRP A 108 -8.53 10.28 6.63
C TRP A 108 -7.66 9.08 6.70
N ASN A 109 -8.25 7.92 6.99
CA ASN A 109 -7.51 6.64 7.02
C ASN A 109 -7.57 5.83 5.73
N VAL A 110 -6.48 5.14 5.42
CA VAL A 110 -6.50 4.20 4.33
C VAL A 110 -7.17 2.93 4.82
N VAL A 111 -8.26 2.53 4.16
CA VAL A 111 -8.98 1.31 4.52
C VAL A 111 -8.24 0.14 3.92
N THR A 112 -7.90 0.25 2.64
CA THR A 112 -7.31 -0.86 1.88
C THR A 112 -6.79 -0.40 0.51
N THR A 113 -5.80 -1.10 -0.02
CA THR A 113 -5.48 -0.97 -1.45
C THR A 113 -5.76 -2.29 -2.15
N LYS A 114 -5.93 -2.27 -3.46
CA LYS A 114 -6.19 -3.51 -4.19
C LYS A 114 -5.81 -3.40 -5.66
N GLN A 115 -5.16 -4.45 -6.19
CA GLN A 115 -4.70 -4.44 -7.58
C GLN A 115 -5.07 -5.70 -8.35
N THR A 116 -5.71 -5.54 -9.50
CA THR A 116 -6.03 -6.66 -10.37
C THR A 116 -5.84 -6.19 -11.80
N ASP A 117 -6.11 -7.04 -12.80
CA ASP A 117 -6.22 -6.63 -14.22
C ASP A 117 -7.17 -5.45 -14.44
N GLU A 118 -8.10 -5.27 -13.50
CA GLU A 118 -9.13 -4.23 -13.53
C GLU A 118 -8.61 -2.87 -13.04
N GLY A 119 -7.30 -2.78 -12.82
CA GLY A 119 -6.68 -1.56 -12.37
C GLY A 119 -6.53 -1.47 -10.87
N VAL A 120 -6.16 -0.29 -10.41
CA VAL A 120 -5.66 -0.10 -9.06
C VAL A 120 -6.64 0.69 -8.19
N ILE A 121 -6.98 0.12 -7.05
CA ILE A 121 -7.90 0.78 -6.15
C ILE A 121 -7.17 1.27 -4.91
N VAL A 122 -7.40 2.52 -4.54
CA VAL A 122 -7.07 3.00 -3.20
C VAL A 122 -8.38 3.44 -2.55
N GLU A 123 -8.58 2.99 -1.31
CA GLU A 123 -9.72 3.40 -0.50
C GLU A 123 -9.31 4.19 0.73
N THR A 124 -10.02 5.31 0.95
CA THR A 124 -9.87 6.09 2.19
C THR A 124 -11.23 6.26 2.89
N GLU A 125 -11.20 6.63 4.17
CA GLU A 125 -12.41 6.70 4.97
C GLU A 125 -12.25 7.64 6.15
N ILE A 126 -13.38 8.26 6.54
CA ILE A 126 -13.46 9.07 7.75
C ILE A 126 -14.79 8.85 8.50
N ASP A 127 -14.70 8.65 9.81
CA ASP A 127 -15.88 8.53 10.65
C ASP A 127 -16.05 9.88 11.36
N LEU A 128 -17.16 10.56 11.12
CA LEU A 128 -17.35 11.90 11.70
C LEU A 128 -17.58 11.83 13.21
N SER A 129 -17.97 10.65 13.71
CA SER A 129 -18.20 10.50 15.14
C SER A 129 -16.88 10.48 15.92
N GLU A 130 -15.76 10.44 15.22
CA GLU A 130 -14.44 10.41 15.85
C GLU A 130 -13.78 11.80 15.92
N LEU A 131 -14.52 12.82 15.49
CA LEU A 131 -14.09 14.21 15.47
C LEU A 131 -15.01 15.02 16.38
N PRO A 132 -14.56 15.31 17.64
CA PRO A 132 -15.41 15.94 18.66
C PRO A 132 -16.04 17.26 18.23
N HIS A 133 -15.25 18.10 17.57
CA HIS A 133 -15.74 19.41 17.20
C HIS A 133 -16.83 19.36 16.15
N VAL A 134 -16.73 18.41 15.22
CA VAL A 134 -17.77 18.21 14.22
C VAL A 134 -19.07 17.72 14.88
N GLN A 135 -18.96 16.79 15.85
CA GLN A 135 -20.14 16.32 16.63
C GLN A 135 -20.92 17.43 17.36
N LYS A 136 -20.21 18.44 17.88
CA LYS A 136 -20.85 19.66 18.42
C LYS A 136 -21.77 20.31 17.37
N GLN A 137 -21.31 20.36 16.12
CA GLN A 137 -22.04 21.01 15.03
C GLN A 137 -23.10 20.12 14.40
N PHE A 138 -22.84 18.82 14.40
CA PHE A 138 -23.59 17.88 13.61
C PHE A 138 -23.49 16.51 14.31
N PRO A 139 -24.26 16.33 15.40
CA PRO A 139 -24.17 15.09 16.21
C PRO A 139 -24.85 13.90 15.52
N HIS A 140 -24.16 13.32 14.53
CA HIS A 140 -24.62 12.13 13.78
C HIS A 140 -23.47 11.25 13.38
N HIS A 141 -23.72 9.95 13.34
CA HIS A 141 -22.66 9.00 13.04
C HIS A 141 -22.56 8.82 11.51
N ALA A 142 -22.13 9.88 10.84
CA ALA A 142 -21.83 9.78 9.42
C ALA A 142 -20.42 9.23 9.20
N VAL A 143 -20.29 8.35 8.23
CA VAL A 143 -19.02 7.77 7.84
C VAL A 143 -18.88 7.96 6.33
N VAL A 144 -17.75 8.52 5.88
CA VAL A 144 -17.53 8.71 4.46
C VAL A 144 -16.34 7.88 3.94
N ARG A 145 -16.58 7.11 2.88
CA ARG A 145 -15.56 6.27 2.29
C ARG A 145 -15.34 6.73 0.86
N MET A 146 -14.10 7.03 0.52
CA MET A 146 -13.76 7.31 -0.87
C MET A 146 -13.10 6.08 -1.45
N THR A 147 -13.45 5.82 -2.71
CA THR A 147 -12.88 4.72 -3.45
C THR A 147 -12.36 5.29 -4.76
N TYR A 148 -11.03 5.31 -4.87
CA TYR A 148 -10.33 5.80 -6.06
C TYR A 148 -9.80 4.62 -6.85
N THR A 149 -10.18 4.57 -8.12
CA THR A 149 -9.78 3.52 -9.05
C THR A 149 -9.22 4.13 -10.33
N ILE A 150 -7.97 3.81 -10.64
CA ILE A 150 -7.44 4.09 -11.97
C ILE A 150 -7.54 2.81 -12.81
N LYS A 151 -8.08 2.93 -14.01
CA LYS A 151 -8.27 1.80 -14.90
C LYS A 151 -8.26 2.38 -16.29
N GLU A 152 -7.48 1.76 -17.17
CA GLU A 152 -7.22 2.29 -18.52
C GLU A 152 -6.78 3.75 -18.38
N ASN A 153 -7.51 4.67 -19.02
CA ASN A 153 -7.17 6.10 -18.96
C ASN A 153 -8.11 6.93 -18.05
N THR A 154 -8.71 6.30 -17.05
CA THR A 154 -9.70 6.97 -16.23
C THR A 154 -9.41 6.93 -14.74
N LEU A 155 -9.63 8.04 -14.06
CA LEU A 155 -9.73 7.99 -12.63
C LEU A 155 -11.21 7.99 -12.27
N PHE A 156 -11.69 6.86 -11.73
CA PHE A 156 -13.03 6.76 -11.15
C PHE A 156 -12.93 7.14 -9.69
N LYS A 157 -13.94 7.85 -9.21
CA LYS A 157 -13.89 8.62 -7.97
C LYS A 157 -15.28 8.48 -7.32
N HIS A 158 -15.43 7.52 -6.40
CA HIS A 158 -16.73 7.15 -5.81
C HIS A 158 -16.84 7.50 -4.34
N ALA A 159 -17.92 8.16 -3.96
CA ALA A 159 -18.14 8.50 -2.55
C ALA A 159 -19.26 7.67 -1.96
N THR A 160 -18.91 6.80 -1.01
CA THR A 160 -19.94 6.10 -0.23
C THR A 160 -20.17 6.78 1.13
N VAL A 161 -21.36 7.35 1.29
CA VAL A 161 -21.77 7.94 2.54
C VAL A 161 -22.70 6.99 3.31
N MET A 162 -22.44 6.84 4.60
CA MET A 162 -23.15 5.88 5.44
C MET A 162 -23.68 6.51 6.73
N ASN A 163 -24.90 6.14 7.10
CA ASN A 163 -25.45 6.48 8.40
C ASN A 163 -25.33 5.27 9.33
N LYS A 164 -24.35 5.34 10.23
CA LYS A 164 -24.18 4.28 11.24
C LYS A 164 -24.74 4.73 12.59
N GLY A 165 -25.67 5.68 12.55
CA GLY A 165 -26.29 6.20 13.76
C GLY A 165 -27.76 5.91 13.88
N LYS A 166 -28.39 6.55 14.87
CA LYS A 166 -29.78 6.25 15.24
C LYS A 166 -30.80 7.25 14.70
N GLU A 167 -30.32 8.31 14.06
CA GLU A 167 -31.18 9.34 13.49
C GLU A 167 -30.80 9.62 12.04
N ALA A 168 -31.81 9.92 11.24
CA ALA A 168 -31.65 10.29 9.86
C ALA A 168 -30.95 11.64 9.74
N PHE A 169 -30.16 11.81 8.68
CA PHE A 169 -29.54 13.12 8.39
C PHE A 169 -29.53 13.54 6.92
N PRO A 170 -29.70 14.85 6.63
CA PRO A 170 -29.51 15.29 5.24
C PRO A 170 -28.02 15.32 4.91
N TRP A 171 -27.67 15.08 3.65
CA TRP A 171 -26.28 15.19 3.24
C TRP A 171 -26.22 15.50 1.77
N GLY A 172 -25.13 16.15 1.38
CA GLY A 172 -24.74 16.30 -0.02
C GLY A 172 -23.22 16.32 -0.03
N ILE A 173 -22.62 16.10 -1.20
CA ILE A 173 -21.16 16.09 -1.34
C ILE A 173 -20.76 16.82 -2.61
N GLY A 174 -19.58 17.40 -2.60
CA GLY A 174 -19.06 18.14 -3.75
C GLY A 174 -17.56 18.00 -3.81
N TYR A 175 -16.98 18.38 -4.93
CA TYR A 175 -15.55 18.34 -5.06
C TYR A 175 -15.07 19.72 -5.49
N HIS A 176 -13.94 20.17 -4.94
CA HIS A 176 -13.41 21.46 -5.35
C HIS A 176 -12.32 21.34 -6.41
N THR A 177 -12.45 20.27 -7.22
CA THR A 177 -11.47 19.87 -8.25
C THR A 177 -10.87 21.07 -8.99
N THR A 178 -9.56 21.28 -8.86
CA THR A 178 -8.91 22.45 -9.46
C THR A 178 -8.00 22.03 -10.58
N PHE A 179 -8.39 22.27 -11.82
CA PHE A 179 -7.54 21.92 -12.96
C PHE A 179 -6.64 23.07 -13.43
N ILE A 180 -5.46 22.72 -13.94
CA ILE A 180 -4.63 23.71 -14.58
C ILE A 180 -5.38 24.15 -15.83
N PHE A 181 -5.71 25.44 -15.88
CA PHE A 181 -6.48 25.97 -17.00
C PHE A 181 -5.83 27.23 -17.57
N PRO A 182 -5.10 27.08 -18.67
CA PRO A 182 -4.47 28.28 -19.26
C PRO A 182 -5.43 29.05 -20.18
N ALA A 183 -5.77 30.27 -19.77
CA ALA A 183 -6.82 31.06 -20.43
C ALA A 183 -6.67 31.19 -21.94
N GLU A 184 -5.45 31.18 -22.45
CA GLU A 184 -5.21 31.41 -23.88
C GLU A 184 -5.23 30.16 -24.80
N SER A 185 -5.20 28.96 -24.22
CA SER A 185 -5.12 27.74 -25.03
C SER A 185 -6.02 26.63 -24.49
N SER A 186 -7.16 27.02 -23.94
CA SER A 186 -7.98 26.07 -23.19
C SER A 186 -9.44 26.36 -23.44
N LEU A 187 -10.21 25.34 -23.77
CA LEU A 187 -11.62 25.54 -24.02
C LEU A 187 -12.42 24.75 -23.01
N PHE A 188 -13.61 25.24 -22.70
CA PHE A 188 -14.36 24.65 -21.61
C PHE A 188 -15.81 24.46 -22.01
N SER A 189 -16.39 23.36 -21.56
CA SER A 189 -17.74 23.03 -21.91
C SER A 189 -18.35 22.29 -20.74
N LEU A 190 -19.67 22.37 -20.67
CA LEU A 190 -20.43 21.90 -19.54
C LEU A 190 -21.84 21.61 -20.02
N THR A 191 -22.41 20.50 -19.55
CA THR A 191 -23.79 20.11 -19.85
C THR A 191 -24.69 20.87 -18.94
N ALA A 192 -24.98 22.12 -19.29
CA ALA A 192 -25.88 22.90 -18.46
C ALA A 192 -26.64 23.96 -19.29
N ASP A 193 -27.93 24.14 -18.95
CA ASP A 193 -28.79 25.13 -19.62
C ASP A 193 -29.21 26.31 -18.77
N GLN A 194 -29.21 26.13 -17.45
CA GLN A 194 -29.72 27.14 -16.54
C GLN A 194 -28.82 27.21 -15.32
N GLN A 195 -28.87 28.33 -14.61
CA GLN A 195 -28.04 28.50 -13.43
C GLN A 195 -28.81 29.13 -12.31
N TRP A 196 -28.34 28.98 -11.08
CA TRP A 196 -29.02 29.53 -9.92
C TRP A 196 -28.65 30.95 -9.74
N GLU A 197 -29.66 31.81 -9.63
CA GLU A 197 -29.46 33.23 -9.35
C GLU A 197 -29.02 33.44 -7.89
N LEU A 198 -28.05 34.34 -7.68
CA LEU A 198 -27.42 34.47 -6.35
C LEU A 198 -27.57 35.88 -5.75
N ASP A 199 -27.86 35.97 -4.45
CA ASP A 199 -27.78 37.26 -3.77
C ASP A 199 -26.30 37.66 -3.56
N GLU A 200 -26.08 38.77 -2.85
CA GLU A 200 -24.72 39.26 -2.59
C GLU A 200 -23.86 38.30 -1.75
N ARG A 201 -24.50 37.32 -1.12
CA ARG A 201 -23.82 36.38 -0.22
C ARG A 201 -23.59 35.03 -0.89
N LEU A 202 -23.77 34.99 -2.22
CA LEU A 202 -23.58 33.79 -3.06
C LEU A 202 -24.52 32.65 -2.66
N LEU A 203 -25.71 33.08 -2.22
CA LEU A 203 -26.79 32.22 -1.78
C LEU A 203 -27.89 32.25 -2.83
N PRO A 204 -28.54 31.10 -3.07
CA PRO A 204 -29.60 31.00 -4.06
C PRO A 204 -30.83 31.79 -3.61
N THR A 205 -31.48 32.49 -4.51
CA THR A 205 -32.70 33.21 -4.14
C THR A 205 -33.85 32.24 -4.21
N GLY A 206 -33.74 31.28 -5.12
CA GLY A 206 -34.78 30.31 -5.40
C GLY A 206 -35.04 30.28 -6.88
N LYS A 207 -34.80 31.40 -7.54
CA LYS A 207 -35.05 31.54 -8.97
C LYS A 207 -33.95 30.91 -9.84
N LEU A 208 -34.37 30.40 -11.00
CA LEU A 208 -33.44 29.93 -12.03
C LEU A 208 -33.47 30.90 -13.20
N MET A 209 -32.43 30.85 -14.03
CA MET A 209 -32.34 31.71 -15.22
C MET A 209 -31.60 31.01 -16.38
N ASP A 210 -32.06 31.24 -17.61
CA ASP A 210 -31.36 30.77 -18.82
C ASP A 210 -29.92 31.23 -18.80
N VAL A 211 -29.02 30.34 -19.23
CA VAL A 211 -27.64 30.71 -19.47
C VAL A 211 -27.62 31.30 -20.87
N PRO A 212 -27.28 32.59 -20.97
CA PRO A 212 -27.34 33.31 -22.24
C PRO A 212 -26.49 32.62 -23.33
N TYR A 213 -25.29 32.24 -22.93
CA TYR A 213 -24.29 31.67 -23.82
C TYR A 213 -24.30 30.15 -23.77
N LYS A 214 -25.46 29.55 -23.52
CA LYS A 214 -25.54 28.10 -23.32
C LYS A 214 -25.03 27.28 -24.51
N GLU A 215 -25.33 27.70 -25.73
CA GLU A 215 -24.80 27.02 -26.90
C GLU A 215 -23.29 26.93 -26.86
N ALA A 216 -22.64 28.07 -26.66
CA ALA A 216 -21.21 28.10 -26.61
C ALA A 216 -20.75 27.18 -25.49
N LEU A 217 -21.48 27.23 -24.37
CA LEU A 217 -21.14 26.43 -23.20
C LEU A 217 -21.26 24.95 -23.50
N HIS A 218 -22.15 24.57 -24.41
CA HIS A 218 -22.26 23.18 -24.78
C HIS A 218 -21.14 22.75 -25.67
N GLU A 219 -20.79 23.60 -26.62
CA GLU A 219 -19.80 23.25 -27.66
C GLU A 219 -18.35 23.35 -27.20
N GLY A 220 -18.08 24.13 -26.17
CA GLY A 220 -16.71 24.41 -25.79
C GLY A 220 -16.43 25.87 -26.09
N MET A 221 -15.96 26.59 -25.07
CA MET A 221 -15.72 28.03 -25.17
C MET A 221 -14.50 28.41 -24.37
N ASP A 222 -13.80 29.45 -24.82
CA ASP A 222 -12.73 30.05 -24.04
C ASP A 222 -13.34 30.85 -22.90
N LEU A 223 -12.52 31.04 -21.86
CA LEU A 223 -12.90 31.83 -20.68
C LEU A 223 -12.06 33.11 -20.55
N ARG A 224 -11.61 33.67 -21.68
CA ARG A 224 -10.87 34.94 -21.64
C ARG A 224 -11.79 36.05 -21.18
N HIS A 225 -11.33 36.81 -20.18
CA HIS A 225 -12.07 37.95 -19.65
C HIS A 225 -13.47 37.59 -19.17
N LYS A 226 -13.60 36.43 -18.51
CA LYS A 226 -14.87 36.00 -17.92
C LYS A 226 -14.69 35.45 -16.50
N GLN A 227 -15.17 36.20 -15.51
CA GLN A 227 -14.99 35.82 -14.11
C GLN A 227 -16.17 34.96 -13.61
N LEU A 228 -15.89 33.69 -13.30
CA LEU A 228 -16.95 32.76 -12.93
C LEU A 228 -16.89 32.34 -11.49
N ASP A 229 -18.06 32.42 -10.86
CA ASP A 229 -18.33 31.85 -9.54
C ASP A 229 -19.82 31.55 -9.51
N ASP A 230 -20.19 30.66 -10.43
CA ASP A 230 -21.57 30.42 -10.86
C ASP A 230 -22.01 29.01 -10.51
N VAL A 231 -23.27 28.88 -10.09
CA VAL A 231 -23.85 27.62 -9.67
C VAL A 231 -24.83 27.20 -10.76
N PHE A 232 -24.37 26.35 -11.68
CA PHE A 232 -25.20 25.88 -12.83
C PHE A 232 -26.07 24.67 -12.49
N LEU A 233 -27.19 24.53 -13.18
CA LEU A 233 -28.07 23.41 -12.96
C LEU A 233 -27.76 22.41 -14.07
N SER A 234 -27.33 21.20 -13.69
CA SER A 234 -27.01 20.21 -14.73
C SER A 234 -28.21 20.04 -15.65
N SER A 235 -27.97 19.96 -16.95
CA SER A 235 -29.07 19.83 -17.94
C SER A 235 -29.73 18.44 -17.94
N TYR A 236 -28.98 17.43 -17.46
CA TYR A 236 -29.42 16.04 -17.49
C TYR A 236 -30.83 15.80 -16.90
N GLN A 237 -31.12 16.47 -15.78
CA GLN A 237 -32.44 16.40 -15.13
C GLN A 237 -33.65 16.62 -16.08
N LYS A 238 -33.52 17.55 -17.03
CA LYS A 238 -34.64 17.95 -17.91
C LYS A 238 -34.60 17.37 -19.34
N ARG A 239 -33.41 17.00 -19.79
CA ARG A 239 -33.09 16.81 -21.20
C ARG A 239 -32.36 15.49 -21.42
N GLY A 240 -31.96 14.83 -20.33
CA GLY A 240 -31.13 13.64 -20.44
C GLY A 240 -29.76 13.99 -21.03
N GLY A 241 -29.12 13.01 -21.64
CA GLY A 241 -27.79 13.23 -22.19
C GLY A 241 -26.69 13.10 -21.15
N GLU A 242 -25.56 13.74 -21.43
CA GLU A 242 -24.36 13.64 -20.60
C GLU A 242 -24.51 14.49 -19.36
N ASN A 243 -23.68 14.22 -18.36
CA ASN A 243 -23.55 15.10 -17.23
C ASN A 243 -22.08 15.17 -17.00
N GLN A 244 -21.46 16.23 -17.51
CA GLN A 244 -20.01 16.31 -17.55
C GLN A 244 -19.50 17.71 -17.85
N ALA A 245 -18.33 18.01 -17.27
CA ALA A 245 -17.50 19.16 -17.67
C ALA A 245 -16.43 18.62 -18.61
N VAL A 246 -16.05 19.42 -19.60
CA VAL A 246 -14.93 19.04 -20.42
C VAL A 246 -13.95 20.20 -20.52
N ILE A 247 -12.67 19.90 -20.43
CA ILE A 247 -11.65 20.90 -20.57
C ILE A 247 -10.78 20.44 -21.72
N TYR A 248 -10.45 21.34 -22.63
CA TYR A 248 -9.62 20.98 -23.76
C TYR A 248 -8.36 21.85 -23.87
N HIS A 249 -7.19 21.22 -23.68
CA HIS A 249 -5.89 21.88 -23.84
C HIS A 249 -5.51 21.80 -25.29
N GLN A 250 -5.54 22.96 -25.95
CA GLN A 250 -5.36 23.06 -27.40
C GLN A 250 -3.96 22.71 -27.88
N HIS A 251 -2.96 23.01 -27.08
CA HIS A 251 -1.58 22.78 -27.51
C HIS A 251 -1.26 21.33 -27.60
N ALA A 252 -1.51 20.60 -26.53
CA ALA A 252 -1.13 19.21 -26.47
C ALA A 252 -2.26 18.29 -26.91
N HIS A 253 -3.38 18.88 -27.34
CA HIS A 253 -4.56 18.15 -27.81
C HIS A 253 -5.05 17.14 -26.79
N ILE A 254 -5.23 17.60 -25.56
CA ILE A 254 -5.70 16.77 -24.45
C ILE A 254 -7.15 17.11 -24.03
N SER A 255 -8.03 16.12 -24.00
CA SER A 255 -9.36 16.34 -23.45
C SER A 255 -9.50 15.76 -22.06
N ILE A 256 -9.92 16.59 -21.11
CA ILE A 256 -10.23 16.10 -19.78
C ILE A 256 -11.74 16.04 -19.68
N ILE A 257 -12.30 14.83 -19.64
CA ILE A 257 -13.77 14.64 -19.52
C ILE A 257 -14.18 14.31 -18.09
N TYR A 258 -14.75 15.30 -17.39
CA TYR A 258 -15.12 15.12 -16.00
C TYR A 258 -16.61 14.73 -15.91
N LYS A 259 -16.87 13.41 -15.81
CA LYS A 259 -18.24 12.88 -15.74
C LYS A 259 -18.72 12.80 -14.29
N ALA A 260 -20.04 12.71 -14.10
CA ALA A 260 -20.66 12.56 -12.77
C ALA A 260 -22.07 12.04 -12.94
N ASP A 261 -22.52 11.16 -12.05
CA ASP A 261 -23.88 10.59 -12.17
C ASP A 261 -25.06 11.52 -11.84
N GLU A 262 -26.27 10.95 -11.85
CA GLU A 262 -27.53 11.71 -11.81
C GLU A 262 -27.72 12.45 -10.49
N GLN A 263 -27.04 11.99 -9.44
CA GLN A 263 -27.12 12.62 -8.11
C GLN A 263 -26.46 13.98 -8.11
N PHE A 264 -25.39 14.14 -8.90
CA PHE A 264 -24.73 15.46 -9.06
C PHE A 264 -25.57 16.38 -9.97
N LYS A 265 -26.39 17.24 -9.37
CA LYS A 265 -27.36 18.03 -10.14
C LYS A 265 -26.91 19.46 -10.42
N HIS A 266 -25.76 19.82 -9.86
CA HIS A 266 -25.25 21.17 -9.98
C HIS A 266 -23.78 21.10 -10.19
N TRP A 267 -23.25 22.13 -10.88
CA TRP A 267 -21.83 22.34 -11.04
C TRP A 267 -21.61 23.75 -10.69
N VAL A 268 -20.77 24.00 -9.70
CA VAL A 268 -20.24 25.33 -9.47
C VAL A 268 -18.98 25.46 -10.32
N VAL A 269 -18.84 26.58 -11.00
CA VAL A 269 -17.65 26.74 -11.83
C VAL A 269 -16.96 28.01 -11.41
N TYR A 270 -15.67 27.87 -11.10
CA TYR A 270 -14.93 28.93 -10.42
C TYR A 270 -13.50 29.09 -10.99
N ASN A 271 -13.21 30.32 -11.42
CA ASN A 271 -11.89 30.65 -11.89
C ASN A 271 -11.33 31.92 -11.25
N ALA A 272 -11.84 32.27 -10.06
CA ALA A 272 -11.37 33.47 -9.36
C ALA A 272 -11.53 34.68 -10.27
N ASP A 273 -10.43 35.34 -10.64
CA ASP A 273 -10.49 36.48 -11.56
C ASP A 273 -10.18 36.12 -13.02
N GLY A 274 -9.88 34.85 -13.29
CA GLY A 274 -9.58 34.39 -14.65
C GLY A 274 -8.14 34.57 -15.09
N LYS A 275 -7.30 35.10 -14.20
CA LYS A 275 -5.90 35.33 -14.50
C LYS A 275 -5.00 34.47 -13.63
N GLN A 276 -5.54 33.42 -13.02
CA GLN A 276 -4.76 32.58 -12.12
C GLN A 276 -4.38 31.24 -12.71
N GLY A 277 -4.73 31.00 -13.97
CA GLY A 277 -4.37 29.76 -14.66
C GLY A 277 -4.95 28.48 -14.08
N TYR A 278 -6.17 28.56 -13.56
CA TYR A 278 -6.81 27.36 -13.07
C TYR A 278 -8.30 27.49 -13.19
N LEU A 279 -8.98 26.38 -12.96
CA LEU A 279 -10.43 26.32 -13.11
C LEU A 279 -10.96 25.20 -12.25
N CYS A 280 -12.09 25.46 -11.60
CA CYS A 280 -12.70 24.53 -10.67
C CYS A 280 -14.11 24.20 -11.14
N PRO A 281 -14.25 23.15 -11.98
CA PRO A 281 -15.61 22.70 -12.32
C PRO A 281 -16.02 21.73 -11.24
N GLU A 282 -16.82 22.22 -10.30
CA GLU A 282 -17.14 21.53 -9.07
C GLU A 282 -18.53 20.88 -9.10
N PRO A 283 -18.57 19.54 -9.30
CA PRO A 283 -19.88 18.90 -9.26
C PRO A 283 -20.36 18.72 -7.81
N TYR A 284 -21.62 19.05 -7.56
CA TYR A 284 -22.26 18.90 -6.26
C TYR A 284 -23.49 18.07 -6.44
N THR A 285 -23.78 17.21 -5.48
CA THR A 285 -25.07 16.50 -5.43
C THR A 285 -26.23 17.42 -5.00
N TRP A 286 -25.90 18.54 -4.38
CA TRP A 286 -26.92 19.43 -3.92
C TRP A 286 -26.50 20.86 -4.10
N VAL A 287 -27.48 21.72 -4.39
CA VAL A 287 -27.27 23.15 -4.55
C VAL A 287 -26.81 23.83 -3.24
N THR A 288 -26.01 24.88 -3.38
CA THR A 288 -25.67 25.79 -2.29
C THR A 288 -26.92 25.99 -1.52
N ASN A 289 -26.75 26.01 -0.20
CA ASN A 289 -27.80 26.28 0.77
C ASN A 289 -29.03 25.40 0.59
N ALA A 290 -28.81 24.20 0.04
CA ALA A 290 -29.92 23.27 -0.20
C ALA A 290 -30.80 23.07 1.03
N VAL A 291 -30.15 22.91 2.18
CA VAL A 291 -30.80 22.67 3.46
C VAL A 291 -31.83 23.74 3.81
N ASN A 292 -31.71 24.92 3.21
CA ASN A 292 -32.59 26.03 3.58
C ASN A 292 -33.59 26.48 2.52
N LEU A 293 -33.91 25.59 1.61
CA LEU A 293 -34.78 25.91 0.49
C LEU A 293 -36.11 25.14 0.57
N ASP A 294 -37.22 25.84 0.38
CA ASP A 294 -38.53 25.17 0.40
C ASP A 294 -38.87 24.79 -1.05
N LEU A 295 -38.00 23.96 -1.61
CA LEU A 295 -38.01 23.56 -3.00
C LEU A 295 -37.87 22.05 -3.06
N PRO A 296 -38.46 21.43 -4.10
CA PRO A 296 -38.45 19.96 -4.29
C PRO A 296 -37.04 19.38 -4.26
N SER A 297 -36.93 18.16 -3.74
CA SER A 297 -35.63 17.49 -3.60
C SER A 297 -35.02 17.13 -4.94
N SER A 298 -35.86 16.77 -5.91
CA SER A 298 -35.42 16.46 -7.28
C SER A 298 -34.77 17.66 -8.00
N LEU A 299 -34.97 18.86 -7.46
CA LEU A 299 -34.33 20.08 -7.92
C LEU A 299 -33.13 20.43 -7.06
N THR A 300 -33.31 20.50 -5.74
CA THR A 300 -32.19 20.90 -4.90
C THR A 300 -31.20 19.78 -4.84
N GLY A 301 -31.70 18.56 -5.11
CA GLY A 301 -30.90 17.34 -4.98
C GLY A 301 -30.54 17.04 -3.54
N LEU A 302 -31.22 17.65 -2.56
CA LEU A 302 -31.01 17.24 -1.17
C LEU A 302 -31.30 15.74 -0.98
N GLN A 303 -30.47 15.05 -0.18
CA GLN A 303 -30.69 13.63 0.13
C GLN A 303 -30.69 13.35 1.62
N VAL A 304 -31.26 12.21 2.01
CA VAL A 304 -31.42 11.79 3.39
C VAL A 304 -31.05 10.32 3.54
N LEU A 305 -30.23 10.02 4.53
CA LEU A 305 -29.93 8.64 4.90
C LEU A 305 -30.66 8.33 6.21
N GLU A 306 -31.43 7.25 6.21
CA GLU A 306 -32.05 6.78 7.43
C GLU A 306 -31.01 5.88 8.06
N PRO A 307 -31.07 5.68 9.40
CA PRO A 307 -30.13 4.78 10.09
C PRO A 307 -29.87 3.49 9.30
N GLY A 308 -28.61 3.09 9.18
CA GLY A 308 -28.25 1.86 8.48
C GLY A 308 -28.14 1.95 6.96
N GLU A 309 -28.60 3.04 6.36
CA GLU A 309 -28.48 3.19 4.91
C GLU A 309 -27.10 3.70 4.45
N GLU A 310 -26.86 3.60 3.15
CA GLU A 310 -25.69 4.16 2.51
C GLU A 310 -26.02 4.48 1.06
N THR A 311 -25.30 5.43 0.49
CA THR A 311 -25.41 5.79 -0.92
C THR A 311 -24.00 5.93 -1.50
N THR A 312 -23.86 5.63 -2.79
CA THR A 312 -22.62 5.89 -3.49
C THR A 312 -22.86 6.89 -4.60
N ALA A 313 -22.05 7.95 -4.63
CA ALA A 313 -22.10 8.95 -5.70
C ALA A 313 -20.85 8.89 -6.61
N LYS A 314 -21.06 8.66 -7.91
CA LYS A 314 -19.99 8.30 -8.84
C LYS A 314 -19.61 9.43 -9.76
N SER A 315 -18.31 9.66 -9.87
CA SER A 315 -17.74 10.62 -10.83
C SER A 315 -16.44 10.06 -11.37
N SER A 316 -16.04 10.53 -12.55
CA SER A 316 -14.81 10.08 -13.17
C SER A 316 -14.10 11.19 -13.96
N ILE A 317 -12.78 11.05 -14.08
CA ILE A 317 -11.98 11.95 -14.88
C ILE A 317 -11.35 11.12 -16.01
N THR A 318 -11.65 11.45 -17.26
CA THR A 318 -11.11 10.73 -18.40
C THR A 318 -10.18 11.62 -19.20
N ILE A 319 -8.99 11.10 -19.49
CA ILE A 319 -8.05 11.79 -20.32
C ILE A 319 -8.04 11.19 -21.72
N GLU A 320 -8.37 12.01 -22.72
CA GLU A 320 -8.40 11.56 -24.11
C GLU A 320 -7.44 12.37 -24.95
N LEU A 321 -6.65 11.67 -25.76
CA LEU A 321 -5.60 12.29 -26.56
C LEU A 321 -6.01 12.31 -28.03
N ASN A 322 -6.25 13.51 -28.56
CA ASN A 322 -6.78 13.70 -29.92
C ASN A 322 -6.14 14.87 -30.67
N ALA B 1 -5.24 -14.72 -13.26
CA ALA B 1 -5.64 -13.45 -12.63
C ALA B 1 -4.96 -13.36 -11.28
N ASN B 2 -4.07 -12.39 -11.18
CA ASN B 2 -3.34 -12.17 -9.95
C ASN B 2 -3.87 -10.93 -9.24
N PHE B 3 -3.45 -10.72 -8.00
CA PHE B 3 -3.98 -9.61 -7.23
C PHE B 3 -3.04 -9.22 -6.11
N ILE B 4 -3.10 -7.97 -5.72
CA ILE B 4 -2.47 -7.52 -4.49
C ILE B 4 -3.52 -6.73 -3.71
N GLU B 5 -3.51 -6.92 -2.40
CA GLU B 5 -4.60 -6.45 -1.57
C GLU B 5 -4.05 -6.12 -0.18
N LYS B 6 -4.43 -4.97 0.40
CA LYS B 6 -4.02 -4.68 1.79
C LYS B 6 -5.04 -5.28 2.75
N ILE B 7 -4.53 -5.96 3.78
CA ILE B 7 -5.41 -6.68 4.72
C ILE B 7 -5.00 -6.45 6.18
N THR B 8 -5.67 -7.13 7.09
CA THR B 8 -5.25 -7.18 8.49
C THR B 8 -5.05 -8.63 8.92
N TYR B 9 -3.86 -8.94 9.42
CA TYR B 9 -3.55 -10.30 9.86
C TYR B 9 -3.31 -10.30 11.36
N LEU B 10 -4.19 -10.96 12.12
CA LEU B 10 -4.21 -10.89 13.60
C LEU B 10 -3.90 -9.48 14.13
N GLY B 11 -4.69 -8.50 13.70
CA GLY B 11 -4.55 -7.13 14.18
C GLY B 11 -3.52 -6.24 13.50
N THR B 12 -2.60 -6.83 12.73
CA THR B 12 -1.48 -6.08 12.14
C THR B 12 -1.65 -5.86 10.62
N PRO B 13 -1.30 -4.65 10.13
CA PRO B 13 -1.34 -4.39 8.68
C PRO B 13 -0.50 -5.40 7.90
N ALA B 14 -1.07 -5.94 6.82
CA ALA B 14 -0.40 -6.97 6.06
C ALA B 14 -0.75 -6.85 4.59
N ILE B 15 -0.09 -7.64 3.75
CA ILE B 15 -0.33 -7.58 2.33
C ILE B 15 -0.54 -8.97 1.74
N LYS B 16 -1.71 -9.21 1.17
CA LYS B 16 -2.04 -10.50 0.55
C LYS B 16 -1.85 -10.42 -0.97
N ALA B 17 -1.05 -11.31 -1.54
CA ALA B 17 -0.85 -11.29 -2.98
C ALA B 17 -0.74 -12.69 -3.54
N GLY B 18 -1.13 -12.85 -4.79
CA GLY B 18 -0.94 -14.11 -5.46
C GLY B 18 -1.69 -14.20 -6.76
N ASN B 19 -1.64 -15.40 -7.35
CA ASN B 19 -2.40 -15.70 -8.54
C ASN B 19 -3.40 -16.81 -8.24
N GLU B 20 -3.76 -17.57 -9.26
CA GLU B 20 -4.65 -18.70 -9.09
C GLU B 20 -3.95 -19.92 -8.44
N HIS B 21 -2.60 -19.89 -8.40
CA HIS B 21 -1.80 -21.02 -7.95
C HIS B 21 -1.28 -20.87 -6.55
N LEU B 22 -0.98 -19.63 -6.15
CA LEU B 22 -0.36 -19.35 -4.85
C LEU B 22 -0.71 -17.97 -4.33
N GLU B 23 -1.12 -17.90 -3.07
CA GLU B 23 -1.20 -16.63 -2.35
C GLU B 23 -0.18 -16.59 -1.23
N MET B 24 0.45 -15.44 -1.06
CA MET B 24 1.26 -15.14 0.14
C MET B 24 0.56 -14.08 0.98
N ILE B 25 0.94 -14.03 2.25
CA ILE B 25 0.67 -12.86 3.08
C ILE B 25 1.98 -12.46 3.76
N VAL B 26 2.47 -11.27 3.45
CA VAL B 26 3.66 -10.74 4.12
C VAL B 26 3.27 -9.68 5.16
N VAL B 27 3.90 -9.75 6.34
CA VAL B 27 3.57 -8.82 7.42
C VAL B 27 4.77 -7.87 7.66
N PRO B 28 4.70 -6.64 7.13
CA PRO B 28 5.82 -5.71 7.30
C PRO B 28 6.24 -5.38 8.74
N GLU B 29 5.30 -5.08 9.63
CA GLU B 29 5.71 -4.72 11.01
C GLU B 29 6.30 -5.92 11.76
N TRP B 30 6.23 -7.09 11.14
CA TRP B 30 6.74 -8.30 11.76
C TRP B 30 8.02 -8.76 11.12
N GLY B 31 8.96 -7.82 10.90
CA GLY B 31 10.23 -8.12 10.25
C GLY B 31 10.03 -8.68 8.86
N SER B 32 9.13 -8.05 8.09
CA SER B 32 8.78 -8.48 6.75
C SER B 32 8.68 -10.01 6.65
N ASN B 33 7.91 -10.58 7.57
CA ASN B 33 7.70 -12.02 7.65
C ASN B 33 6.63 -12.45 6.69
N VAL B 34 6.95 -13.42 5.84
CA VAL B 34 5.95 -14.04 5.00
C VAL B 34 5.30 -15.07 5.87
N ILE B 35 4.15 -14.70 6.42
CA ILE B 35 3.48 -15.49 7.43
C ILE B 35 2.62 -16.65 6.91
N SER B 36 2.26 -16.60 5.62
CA SER B 36 1.29 -17.54 5.06
C SER B 36 1.62 -17.82 3.61
N LEU B 37 1.44 -19.06 3.18
CA LEU B 37 1.61 -19.41 1.77
C LEU B 37 0.68 -20.55 1.40
N VAL B 38 -0.41 -20.22 0.73
CA VAL B 38 -1.49 -21.18 0.50
C VAL B 38 -1.46 -21.67 -0.95
N ASP B 39 -1.48 -22.98 -1.13
CA ASP B 39 -1.63 -23.56 -2.45
C ASP B 39 -3.09 -23.49 -2.89
N LYS B 40 -3.40 -22.54 -3.77
CA LYS B 40 -4.80 -22.25 -4.17
C LYS B 40 -5.47 -23.32 -5.04
N THR B 41 -4.70 -24.31 -5.47
CA THR B 41 -5.26 -25.41 -6.20
C THR B 41 -6.02 -26.30 -5.23
N THR B 42 -5.38 -26.64 -4.11
CA THR B 42 -5.91 -27.62 -3.16
C THR B 42 -6.41 -26.95 -1.88
N ASN B 43 -6.15 -25.65 -1.77
CA ASN B 43 -6.44 -24.83 -0.57
C ASN B 43 -5.80 -25.34 0.72
N VAL B 44 -4.47 -25.41 0.69
CA VAL B 44 -3.64 -25.94 1.78
C VAL B 44 -2.57 -24.91 2.17
N GLN B 45 -2.47 -24.67 3.48
CA GLN B 45 -1.43 -23.83 4.06
C GLN B 45 -0.09 -24.58 4.18
N LEU B 46 0.97 -24.05 3.56
CA LEU B 46 2.27 -24.73 3.61
C LEU B 46 3.12 -24.31 4.79
N LEU B 47 2.88 -23.13 5.32
CA LEU B 47 3.71 -22.62 6.39
C LEU B 47 3.03 -22.70 7.76
N ARG B 48 3.83 -22.75 8.82
CA ARG B 48 3.29 -22.72 10.17
C ARG B 48 2.88 -21.30 10.53
N GLU B 49 1.60 -21.13 10.84
CA GLU B 49 1.01 -19.85 11.26
C GLU B 49 0.78 -19.77 12.77
N PRO B 50 0.98 -18.58 13.37
CA PRO B 50 0.66 -18.38 14.79
C PRO B 50 -0.85 -18.35 15.07
N GLU B 51 -1.25 -18.77 16.26
CA GLU B 51 -2.64 -18.64 16.69
C GLU B 51 -2.98 -17.17 16.83
N THR B 52 -2.08 -16.48 17.53
CA THR B 52 -2.30 -15.13 18.01
C THR B 52 -1.03 -14.33 17.82
N ALA B 53 -1.19 -13.02 17.73
CA ALA B 53 -0.07 -12.10 17.64
C ALA B 53 0.87 -12.24 18.84
N GLU B 54 0.32 -12.67 19.98
CA GLU B 54 1.13 -12.80 21.18
C GLU B 54 2.05 -14.00 21.07
N SER B 55 1.50 -15.14 20.65
CA SER B 55 2.31 -16.34 20.41
C SER B 55 3.29 -16.15 19.23
N PHE B 56 2.93 -15.30 18.26
CA PHE B 56 3.91 -14.93 17.24
C PHE B 56 5.11 -14.23 17.87
N HIS B 57 4.85 -13.12 18.58
CA HIS B 57 5.92 -12.39 19.28
C HIS B 57 6.62 -13.23 20.34
N ASP B 58 5.97 -14.26 20.85
CA ASP B 58 6.61 -15.24 21.74
C ASP B 58 7.82 -15.91 21.06
N THR B 59 7.62 -16.47 19.87
CA THR B 59 8.70 -17.06 19.07
C THR B 59 8.67 -16.52 17.65
N PRO B 60 9.16 -15.30 17.45
CA PRO B 60 9.08 -14.71 16.11
C PRO B 60 9.94 -15.38 15.01
N THR B 61 10.81 -16.33 15.37
CA THR B 61 11.62 -17.03 14.37
C THR B 61 11.03 -18.39 13.97
N LEU B 62 9.90 -18.76 14.58
CA LEU B 62 9.34 -20.10 14.41
C LEU B 62 8.01 -20.19 13.65
N TYR B 63 7.67 -19.13 12.90
CA TYR B 63 6.48 -19.09 12.05
C TYR B 63 6.81 -18.48 10.68
N GLY B 64 6.10 -18.93 9.64
CA GLY B 64 6.23 -18.38 8.27
C GLY B 64 7.66 -18.32 7.74
N ILE B 65 8.11 -17.17 7.27
CA ILE B 65 9.51 -17.02 6.80
C ILE B 65 10.25 -15.87 7.48
N PRO B 66 10.83 -16.14 8.66
CA PRO B 66 11.60 -15.13 9.42
C PRO B 66 12.91 -14.78 8.71
N ILE B 67 13.28 -13.50 8.74
CA ILE B 67 14.53 -13.05 8.07
C ILE B 67 15.71 -12.96 9.04
N LEU B 68 16.80 -13.65 8.69
CA LEU B 68 17.97 -13.80 9.58
C LEU B 68 19.22 -13.05 9.09
N PHE B 69 19.39 -11.84 9.58
CA PHE B 69 20.45 -10.98 9.11
C PHE B 69 21.26 -10.43 10.28
N PRO B 70 22.41 -11.06 10.57
CA PRO B 70 22.89 -12.27 9.91
C PRO B 70 22.36 -13.54 10.61
N PRO B 71 22.49 -14.71 9.96
CA PRO B 71 21.88 -15.92 10.47
C PRO B 71 22.62 -16.62 11.62
N ASN B 72 21.82 -17.14 12.56
CA ASN B 72 22.31 -18.00 13.62
C ASN B 72 23.29 -17.29 14.58
N ARG B 73 24.28 -18.03 15.08
CA ARG B 73 25.09 -17.60 16.25
C ARG B 73 26.45 -16.93 15.99
N ILE B 74 26.74 -15.92 16.80
CA ILE B 74 28.04 -15.27 16.83
C ILE B 74 28.56 -15.36 18.26
N SER B 75 29.63 -16.13 18.45
CA SER B 75 30.11 -16.42 19.79
C SER B 75 30.39 -15.12 20.54
N ASP B 76 29.77 -14.99 21.71
CA ASP B 76 29.93 -13.84 22.62
C ASP B 76 29.53 -12.52 21.96
N GLY B 77 28.82 -12.62 20.83
CA GLY B 77 28.42 -11.42 20.07
C GLY B 77 29.62 -10.61 19.60
N THR B 78 30.77 -11.29 19.52
CA THR B 78 32.04 -10.64 19.25
C THR B 78 32.76 -11.24 18.05
N PHE B 79 33.35 -10.35 17.26
CA PHE B 79 34.16 -10.75 16.14
C PHE B 79 34.95 -9.53 15.68
N SER B 80 36.09 -9.80 15.04
CA SER B 80 36.95 -8.78 14.51
C SER B 80 36.79 -8.73 12.98
N PHE B 81 36.62 -7.54 12.45
CA PHE B 81 36.59 -7.33 11.00
C PHE B 81 37.37 -6.07 10.62
N ARG B 82 38.50 -6.29 9.95
CA ARG B 82 39.39 -5.22 9.53
C ARG B 82 39.77 -4.28 10.66
N GLY B 83 40.34 -4.85 11.72
CA GLY B 83 40.89 -4.08 12.83
C GLY B 83 39.89 -3.45 13.78
N ARG B 84 38.61 -3.75 13.59
CA ARG B 84 37.54 -3.19 14.43
C ARG B 84 36.70 -4.29 15.08
N THR B 85 36.47 -4.15 16.38
CA THR B 85 35.72 -5.16 17.14
C THR B 85 34.25 -4.77 17.32
N TYR B 86 33.38 -5.77 17.26
CA TYR B 86 31.95 -5.56 17.22
C TYR B 86 31.29 -6.27 18.37
N HIS B 87 30.25 -5.67 18.93
CA HIS B 87 29.56 -6.31 20.03
C HIS B 87 28.09 -6.31 19.77
N PHE B 88 27.61 -7.46 19.36
CA PHE B 88 26.19 -7.66 19.14
C PHE B 88 25.61 -8.11 20.47
N ASP B 89 24.34 -7.76 20.72
CA ASP B 89 23.66 -8.13 21.96
C ASP B 89 23.68 -9.65 22.11
N ILE B 90 24.14 -10.11 23.26
CA ILE B 90 24.25 -11.53 23.53
C ILE B 90 22.90 -11.91 24.08
N ASN B 91 22.03 -12.37 23.18
CA ASN B 91 20.65 -12.59 23.50
C ASN B 91 20.35 -14.06 23.78
N GLU B 92 21.37 -14.90 23.71
CA GLU B 92 21.21 -16.31 24.05
C GLU B 92 22.14 -16.64 25.18
N LYS B 93 21.56 -16.62 26.38
CA LYS B 93 22.31 -16.58 27.62
C LYS B 93 23.07 -17.87 27.92
N ASP B 94 22.34 -18.99 28.01
CA ASP B 94 22.90 -20.27 28.40
C ASP B 94 24.13 -20.66 27.57
N LYS B 95 24.11 -20.28 26.29
CA LYS B 95 25.21 -20.56 25.37
C LYS B 95 26.11 -19.35 25.12
N HIS B 96 25.71 -18.19 25.66
CA HIS B 96 26.50 -16.95 25.55
C HIS B 96 26.83 -16.60 24.13
N ASN B 97 25.80 -16.54 23.29
CA ASN B 97 25.92 -16.13 21.88
C ASN B 97 24.98 -14.98 21.53
N HIS B 98 25.23 -14.36 20.37
CA HIS B 98 24.21 -13.57 19.69
C HIS B 98 23.50 -14.45 18.73
N LEU B 99 22.17 -14.35 18.73
CA LEU B 99 21.33 -15.24 17.95
C LEU B 99 20.25 -14.54 17.14
N HIS B 100 20.38 -14.69 15.81
CA HIS B 100 19.32 -14.49 14.81
C HIS B 100 19.17 -13.12 14.21
N GLY B 101 20.21 -12.30 14.43
CA GLY B 101 20.36 -11.03 13.76
C GLY B 101 19.51 -9.90 14.30
N PHE B 102 19.28 -8.90 13.44
CA PHE B 102 18.63 -7.63 13.85
C PHE B 102 17.22 -7.44 13.29
N LEU B 103 16.93 -8.14 12.20
CA LEU B 103 15.82 -7.75 11.35
C LEU B 103 14.47 -8.44 11.57
N TYR B 104 14.47 -9.64 12.18
CA TYR B 104 13.25 -10.44 12.32
C TYR B 104 12.09 -9.80 13.11
N HIS B 105 12.39 -8.93 14.08
CA HIS B 105 11.33 -8.35 14.94
C HIS B 105 11.13 -6.85 14.78
N GLU B 106 11.62 -6.29 13.67
CA GLU B 106 11.54 -4.86 13.39
C GLU B 106 10.51 -4.52 12.29
N LYS B 107 10.13 -3.25 12.25
CA LYS B 107 9.12 -2.77 11.31
C LYS B 107 9.75 -2.33 10.00
N TRP B 108 9.46 -3.08 8.94
CA TRP B 108 9.93 -2.77 7.58
C TRP B 108 8.93 -1.93 6.87
N ASN B 109 9.37 -1.15 5.89
CA ASN B 109 8.45 -0.40 5.05
C ASN B 109 8.14 -1.07 3.72
N VAL B 110 6.97 -0.81 3.18
CA VAL B 110 6.61 -1.30 1.87
C VAL B 110 7.08 -0.24 0.90
N VAL B 111 7.93 -0.61 -0.05
CA VAL B 111 8.40 0.40 -0.98
C VAL B 111 7.42 0.57 -2.11
N THR B 112 6.91 -0.54 -2.62
CA THR B 112 6.01 -0.55 -3.77
C THR B 112 5.34 -1.91 -3.91
N THR B 113 4.08 -1.91 -4.30
CA THR B 113 3.42 -3.15 -4.72
C THR B 113 3.01 -3.03 -6.20
N LYS B 114 3.54 -3.92 -7.04
CA LYS B 114 3.27 -3.90 -8.49
C LYS B 114 2.55 -5.16 -8.99
N GLN B 115 1.48 -4.98 -9.75
CA GLN B 115 0.80 -6.07 -10.46
C GLN B 115 1.05 -5.94 -11.94
N THR B 116 1.58 -7.00 -12.54
CA THR B 116 1.76 -7.05 -13.99
C THR B 116 0.92 -8.18 -14.54
N ASP B 117 0.88 -8.34 -15.86
CA ASP B 117 0.14 -9.44 -16.49
C ASP B 117 0.82 -10.81 -16.29
N GLU B 118 2.12 -10.79 -15.99
CA GLU B 118 2.86 -12.01 -15.64
C GLU B 118 2.73 -12.38 -14.16
N GLY B 119 3.04 -11.44 -13.27
CA GLY B 119 3.05 -11.75 -11.84
C GLY B 119 2.93 -10.54 -10.93
N VAL B 120 2.86 -10.84 -9.63
CA VAL B 120 2.65 -9.82 -8.63
C VAL B 120 3.92 -9.63 -7.81
N ILE B 121 4.32 -8.37 -7.62
CA ILE B 121 5.54 -8.04 -6.87
C ILE B 121 5.22 -7.25 -5.60
N VAL B 122 5.85 -7.63 -4.50
CA VAL B 122 5.77 -6.85 -3.27
C VAL B 122 7.19 -6.60 -2.81
N GLU B 123 7.50 -5.32 -2.58
CA GLU B 123 8.79 -4.94 -2.04
C GLU B 123 8.69 -4.32 -0.65
N THR B 124 9.54 -4.83 0.23
CA THR B 124 9.73 -4.23 1.55
C THR B 124 11.20 -3.88 1.77
N GLU B 125 11.46 -3.04 2.77
CA GLU B 125 12.79 -2.51 3.01
C GLU B 125 12.97 -2.02 4.45
N ILE B 126 14.24 -2.02 4.88
CA ILE B 126 14.61 -1.51 6.17
C ILE B 126 16.03 -0.94 6.12
N ASP B 127 16.18 0.29 6.62
CA ASP B 127 17.47 0.97 6.69
C ASP B 127 17.97 0.84 8.12
N LEU B 128 19.05 0.09 8.30
CA LEU B 128 19.54 -0.18 9.65
C LEU B 128 20.01 1.11 10.36
N SER B 129 20.40 2.11 9.57
CA SER B 129 20.78 3.43 10.09
C SER B 129 19.65 4.23 10.77
N GLU B 130 18.40 3.86 10.52
CA GLU B 130 17.25 4.46 11.20
C GLU B 130 16.91 3.68 12.48
N LEU B 131 17.76 2.72 12.82
CA LEU B 131 17.59 1.92 14.02
C LEU B 131 18.75 2.16 14.97
N PRO B 132 18.57 3.09 15.93
CA PRO B 132 19.66 3.52 16.80
C PRO B 132 20.32 2.39 17.59
N HIS B 133 19.53 1.47 18.13
CA HIS B 133 20.08 0.37 18.92
C HIS B 133 20.85 -0.63 18.10
N VAL B 134 20.38 -0.87 16.87
CA VAL B 134 21.15 -1.65 15.91
C VAL B 134 22.50 -0.98 15.65
N GLN B 135 22.47 0.36 15.54
CA GLN B 135 23.66 1.15 15.23
C GLN B 135 24.75 1.15 16.31
N LYS B 136 24.37 0.97 17.57
CA LYS B 136 25.36 0.79 18.66
C LYS B 136 26.18 -0.46 18.42
N GLN B 137 25.49 -1.57 18.17
CA GLN B 137 26.11 -2.85 17.87
C GLN B 137 26.83 -2.81 16.52
N PHE B 138 26.10 -2.44 15.47
CA PHE B 138 26.60 -2.57 14.09
C PHE B 138 26.52 -1.23 13.33
N PRO B 139 27.54 -0.38 13.51
CA PRO B 139 27.49 1.02 13.05
C PRO B 139 27.85 1.20 11.58
N HIS B 140 27.01 0.66 10.70
CA HIS B 140 27.16 0.81 9.25
C HIS B 140 25.84 1.20 8.62
N HIS B 141 25.88 1.62 7.35
CA HIS B 141 24.67 2.05 6.65
C HIS B 141 24.21 0.95 5.73
N ALA B 142 23.73 -0.13 6.36
CA ALA B 142 23.11 -1.24 5.65
C ALA B 142 21.64 -0.95 5.38
N VAL B 143 21.23 -1.24 4.15
CA VAL B 143 19.84 -1.20 3.76
C VAL B 143 19.52 -2.53 3.15
N VAL B 144 18.49 -3.18 3.68
CA VAL B 144 18.08 -4.46 3.14
C VAL B 144 16.69 -4.33 2.49
N ARG B 145 16.63 -4.65 1.21
CA ARG B 145 15.38 -4.67 0.44
C ARG B 145 15.02 -6.12 0.13
N MET B 146 13.79 -6.50 0.47
CA MET B 146 13.24 -7.78 0.06
C MET B 146 12.37 -7.57 -1.16
N THR B 147 12.40 -8.49 -2.09
CA THR B 147 11.54 -8.42 -3.26
C THR B 147 10.97 -9.78 -3.47
N TYR B 148 9.64 -9.86 -3.30
CA TYR B 148 8.88 -11.10 -3.42
C TYR B 148 8.07 -11.07 -4.71
N THR B 149 8.03 -12.19 -5.43
CA THR B 149 7.38 -12.22 -6.74
C THR B 149 6.63 -13.52 -6.90
N ILE B 150 5.36 -13.44 -7.25
CA ILE B 150 4.61 -14.65 -7.51
C ILE B 150 4.23 -14.77 -9.00
N LYS B 151 4.78 -15.79 -9.64
CA LYS B 151 4.53 -16.13 -11.04
C LYS B 151 4.32 -17.63 -11.06
N GLU B 152 3.41 -18.07 -11.91
CA GLU B 152 3.10 -19.50 -12.06
C GLU B 152 2.86 -20.12 -10.67
N ASN B 153 3.55 -21.24 -10.41
CA ASN B 153 3.44 -22.01 -9.19
C ASN B 153 4.62 -21.77 -8.24
N THR B 154 5.22 -20.59 -8.32
CA THR B 154 6.45 -20.27 -7.59
C THR B 154 6.37 -18.93 -6.83
N LEU B 155 6.94 -18.90 -5.63
CA LEU B 155 7.24 -17.63 -4.96
C LEU B 155 8.76 -17.35 -5.04
N PHE B 156 9.15 -16.29 -5.74
CA PHE B 156 10.54 -15.86 -5.75
C PHE B 156 10.77 -14.84 -4.64
N LYS B 157 11.96 -14.87 -4.07
CA LYS B 157 12.21 -14.23 -2.80
C LYS B 157 13.67 -13.71 -2.85
N HIS B 158 13.82 -12.45 -3.24
CA HIS B 158 15.17 -11.90 -3.46
C HIS B 158 15.55 -10.92 -2.38
N ALA B 159 16.78 -11.03 -1.88
CA ALA B 159 17.34 -10.03 -0.98
C ALA B 159 18.52 -9.24 -1.59
N THR B 160 18.34 -7.94 -1.69
CA THR B 160 19.40 -6.99 -2.02
C THR B 160 19.90 -6.27 -0.75
N VAL B 161 21.12 -6.58 -0.36
CA VAL B 161 21.81 -5.92 0.74
C VAL B 161 22.71 -4.80 0.19
N MET B 162 22.50 -3.56 0.65
CA MET B 162 23.23 -2.43 0.09
C MET B 162 24.13 -1.74 1.10
N ASN B 163 25.33 -1.40 0.66
CA ASN B 163 26.19 -0.54 1.47
C ASN B 163 26.06 0.91 1.02
N LYS B 164 25.41 1.72 1.85
CA LYS B 164 25.19 3.13 1.54
C LYS B 164 26.01 4.09 2.40
N GLY B 165 26.90 3.53 3.24
CA GLY B 165 27.74 4.32 4.14
C GLY B 165 29.15 4.54 3.63
N LYS B 166 30.07 4.85 4.55
CA LYS B 166 31.46 5.18 4.16
C LYS B 166 32.50 4.08 4.42
N GLU B 167 32.08 2.96 5.00
CA GLU B 167 32.99 1.84 5.25
C GLU B 167 32.47 0.53 4.66
N ALA B 168 33.41 -0.40 4.47
CA ALA B 168 33.11 -1.76 4.04
C ALA B 168 32.58 -2.57 5.23
N PHE B 169 31.59 -3.43 4.99
CA PHE B 169 31.15 -4.32 6.06
C PHE B 169 30.97 -5.78 5.62
N PRO B 170 31.01 -6.71 6.59
CA PRO B 170 30.68 -8.10 6.31
C PRO B 170 29.19 -8.30 6.53
N TRP B 171 28.64 -9.38 5.99
CA TRP B 171 27.20 -9.68 6.11
C TRP B 171 26.86 -11.05 5.64
N GLY B 172 25.73 -11.55 6.11
CA GLY B 172 25.16 -12.78 5.61
C GLY B 172 23.67 -12.69 5.82
N ILE B 173 22.92 -13.48 5.04
CA ILE B 173 21.49 -13.61 5.28
C ILE B 173 21.11 -15.08 5.29
N GLY B 174 19.97 -15.38 5.93
CA GLY B 174 19.32 -16.67 5.94
C GLY B 174 17.84 -16.50 6.23
N TYR B 175 17.08 -17.58 6.11
CA TYR B 175 15.65 -17.56 6.43
C TYR B 175 15.32 -18.69 7.40
N HIS B 176 14.38 -18.46 8.31
CA HIS B 176 13.97 -19.47 9.28
C HIS B 176 12.64 -20.11 8.88
N THR B 177 12.49 -20.27 7.56
CA THR B 177 11.29 -20.81 6.95
C THR B 177 10.75 -22.04 7.66
N THR B 178 9.54 -21.92 8.19
CA THR B 178 8.96 -23.01 8.92
C THR B 178 7.77 -23.55 8.15
N PHE B 179 7.96 -24.72 7.53
CA PHE B 179 6.91 -25.37 6.76
C PHE B 179 6.11 -26.32 7.66
N ILE B 180 4.90 -26.68 7.26
CA ILE B 180 4.16 -27.70 7.99
C ILE B 180 4.63 -29.09 7.59
N PHE B 181 4.95 -29.91 8.59
CA PHE B 181 5.63 -31.17 8.33
C PHE B 181 5.15 -32.26 9.29
N PRO B 182 4.13 -33.02 8.90
CA PRO B 182 3.67 -34.14 9.70
C PRO B 182 4.69 -35.27 9.59
N ALA B 183 5.21 -35.68 10.74
CA ALA B 183 6.36 -36.60 10.79
C ALA B 183 6.05 -37.94 10.15
N GLU B 184 4.80 -38.36 10.28
CA GLU B 184 4.37 -39.66 9.85
C GLU B 184 4.35 -39.76 8.32
N SER B 185 3.77 -38.76 7.67
CA SER B 185 3.40 -38.84 6.27
C SER B 185 4.17 -37.90 5.35
N SER B 186 5.29 -37.35 5.81
CA SER B 186 6.07 -36.44 4.98
C SER B 186 7.57 -36.80 4.88
N LEU B 187 8.22 -36.28 3.85
CA LEU B 187 9.58 -36.63 3.56
C LEU B 187 10.36 -35.39 3.23
N PHE B 188 11.68 -35.50 3.37
CA PHE B 188 12.58 -34.38 3.19
C PHE B 188 13.83 -34.80 2.43
N SER B 189 14.33 -33.93 1.57
CA SER B 189 15.60 -34.17 0.93
C SER B 189 16.34 -32.86 0.80
N LEU B 190 17.66 -32.95 0.66
CA LEU B 190 18.54 -31.79 0.63
C LEU B 190 19.81 -32.08 -0.16
N THR B 191 20.27 -31.11 -0.92
CA THR B 191 21.50 -31.27 -1.70
C THR B 191 22.73 -31.01 -0.85
N ALA B 192 23.12 -31.99 -0.02
CA ALA B 192 24.26 -31.87 0.90
C ALA B 192 25.00 -33.19 1.09
N ASP B 193 26.31 -33.08 1.40
CA ASP B 193 27.22 -34.23 1.52
C ASP B 193 27.89 -34.26 2.88
N GLN B 194 28.23 -33.08 3.36
CA GLN B 194 28.98 -32.92 4.59
C GLN B 194 28.20 -32.02 5.49
N GLN B 195 28.60 -31.96 6.75
CA GLN B 195 28.02 -31.00 7.67
C GLN B 195 29.07 -30.52 8.66
N TRP B 196 28.81 -29.36 9.26
CA TRP B 196 29.72 -28.82 10.26
C TRP B 196 29.53 -29.49 11.58
N GLU B 197 30.64 -29.93 12.16
CA GLU B 197 30.65 -30.42 13.52
C GLU B 197 30.36 -29.23 14.43
N LEU B 198 29.44 -29.41 15.37
CA LEU B 198 29.11 -28.35 16.32
C LEU B 198 29.50 -28.68 17.75
N ASP B 199 30.00 -27.68 18.50
CA ASP B 199 30.23 -27.86 19.94
C ASP B 199 28.91 -27.64 20.71
N GLU B 200 28.95 -27.80 22.02
CA GLU B 200 27.71 -27.74 22.83
C GLU B 200 27.07 -26.33 22.90
N ARG B 201 27.85 -25.30 22.55
CA ARG B 201 27.33 -23.93 22.37
C ARG B 201 26.74 -23.79 20.95
N LEU B 202 26.75 -24.89 20.20
CA LEU B 202 26.26 -24.96 18.80
C LEU B 202 27.04 -24.12 17.81
N LEU B 203 28.26 -23.78 18.19
CA LEU B 203 29.19 -23.12 17.28
C LEU B 203 29.96 -24.21 16.56
N PRO B 204 30.23 -23.99 15.27
CA PRO B 204 31.05 -24.95 14.52
C PRO B 204 32.47 -25.06 15.10
N THR B 205 33.11 -26.21 14.92
CA THR B 205 34.52 -26.41 15.34
C THR B 205 35.49 -26.01 14.23
N GLY B 206 34.99 -26.07 12.99
CA GLY B 206 35.82 -25.85 11.82
C GLY B 206 35.94 -27.15 11.03
N LYS B 207 35.75 -28.27 11.71
CA LYS B 207 35.84 -29.59 11.08
C LYS B 207 34.55 -29.88 10.33
N LEU B 208 34.72 -30.43 9.14
CA LEU B 208 33.59 -30.95 8.40
C LEU B 208 33.51 -32.46 8.59
N MET B 209 32.30 -32.99 8.74
CA MET B 209 32.08 -34.43 8.76
C MET B 209 31.08 -34.89 7.67
N ASP B 210 31.31 -36.09 7.13
CA ASP B 210 30.35 -36.73 6.22
C ASP B 210 28.98 -36.86 6.84
N VAL B 211 27.95 -36.54 6.07
CA VAL B 211 26.57 -36.84 6.44
C VAL B 211 26.38 -38.34 6.32
N PRO B 212 26.15 -39.01 7.46
CA PRO B 212 26.12 -40.48 7.57
C PRO B 212 25.26 -41.14 6.49
N TYR B 213 24.14 -40.49 6.19
CA TYR B 213 23.10 -41.03 5.32
C TYR B 213 22.99 -40.30 3.97
N LYS B 214 24.11 -39.74 3.47
CA LYS B 214 24.18 -39.06 2.17
C LYS B 214 23.02 -39.44 1.27
N GLU B 215 22.98 -40.72 0.89
CA GLU B 215 22.05 -41.26 -0.11
C GLU B 215 20.57 -41.02 0.21
N ALA B 216 20.15 -41.40 1.42
CA ALA B 216 18.76 -41.21 1.87
C ALA B 216 18.36 -39.73 1.85
N LEU B 217 19.30 -38.86 2.24
CA LEU B 217 19.06 -37.42 2.27
C LEU B 217 18.84 -36.83 0.88
N HIS B 218 19.50 -37.36 -0.14
CA HIS B 218 19.32 -36.89 -1.50
C HIS B 218 18.02 -37.38 -2.07
N GLU B 219 17.68 -38.63 -1.75
CA GLU B 219 16.49 -39.29 -2.32
C GLU B 219 15.18 -38.94 -1.62
N GLY B 220 15.27 -38.69 -0.32
CA GLY B 220 14.09 -38.43 0.51
C GLY B 220 13.97 -39.41 1.67
N MET B 221 13.86 -38.86 2.86
CA MET B 221 13.74 -39.67 4.05
C MET B 221 12.64 -39.11 4.93
N ASP B 222 11.97 -40.01 5.66
CA ASP B 222 11.05 -39.59 6.70
C ASP B 222 11.93 -39.03 7.81
N LEU B 223 11.33 -38.38 8.79
CA LEU B 223 12.07 -37.85 9.93
C LEU B 223 11.49 -38.28 11.28
N ARG B 224 10.80 -39.42 11.29
CA ARG B 224 10.36 -40.04 12.54
C ARG B 224 11.60 -40.38 13.34
N HIS B 225 11.50 -40.18 14.65
CA HIS B 225 12.56 -40.54 15.60
C HIS B 225 13.78 -39.63 15.53
N LYS B 226 14.02 -39.03 14.36
CA LYS B 226 15.19 -38.18 14.13
C LYS B 226 14.95 -36.71 14.55
N GLN B 227 15.91 -36.16 15.28
CA GLN B 227 15.87 -34.77 15.72
C GLN B 227 17.05 -34.02 15.11
N LEU B 228 16.78 -32.84 14.59
CA LEU B 228 17.79 -32.12 13.84
C LEU B 228 17.94 -30.69 14.29
N ASP B 229 19.19 -30.31 14.50
CA ASP B 229 19.58 -28.93 14.62
C ASP B 229 20.94 -28.83 13.92
N ASP B 230 20.98 -29.40 12.71
CA ASP B 230 22.24 -29.66 12.01
C ASP B 230 22.51 -28.59 10.94
N VAL B 231 23.77 -28.39 10.64
CA VAL B 231 24.22 -27.36 9.71
C VAL B 231 24.94 -28.03 8.57
N PHE B 232 24.23 -28.23 7.46
CA PHE B 232 24.78 -28.88 6.29
C PHE B 232 25.50 -27.90 5.37
N LEU B 233 26.56 -28.39 4.72
CA LEU B 233 27.24 -27.66 3.66
C LEU B 233 26.59 -27.98 2.31
N SER B 234 26.14 -26.94 1.61
CA SER B 234 25.61 -27.10 0.27
C SER B 234 26.60 -27.88 -0.59
N SER B 235 26.12 -28.88 -1.32
CA SER B 235 26.99 -29.73 -2.13
C SER B 235 27.38 -29.09 -3.45
N TYR B 236 26.64 -28.05 -3.85
CA TYR B 236 26.86 -27.34 -5.11
C TYR B 236 28.32 -26.91 -5.29
N GLN B 237 28.89 -26.29 -4.26
CA GLN B 237 30.27 -25.77 -4.28
C GLN B 237 31.30 -26.82 -4.77
N LYS B 238 31.20 -28.05 -4.28
CA LYS B 238 32.16 -29.09 -4.66
C LYS B 238 31.70 -29.94 -5.85
N ARG B 239 30.39 -30.14 -5.97
CA ARG B 239 29.88 -31.10 -6.93
C ARG B 239 29.15 -30.54 -8.16
N GLY B 240 28.85 -29.24 -8.16
CA GLY B 240 27.96 -28.68 -9.18
C GLY B 240 26.54 -29.26 -9.04
N GLY B 241 25.64 -28.91 -9.95
CA GLY B 241 24.27 -29.41 -9.89
C GLY B 241 23.34 -28.53 -9.05
N GLU B 242 22.23 -29.11 -8.59
CA GLU B 242 21.22 -28.38 -7.81
C GLU B 242 21.67 -27.88 -6.43
N ASN B 243 20.80 -27.11 -5.78
CA ASN B 243 21.01 -26.57 -4.46
C ASN B 243 19.66 -26.22 -3.86
N GLN B 244 19.10 -27.14 -3.09
CA GLN B 244 17.68 -27.05 -2.78
C GLN B 244 17.19 -28.03 -1.74
N ALA B 245 16.14 -27.63 -1.05
CA ALA B 245 15.46 -28.51 -0.10
C ALA B 245 14.17 -28.90 -0.76
N VAL B 246 13.61 -30.04 -0.34
CA VAL B 246 12.36 -30.52 -0.90
C VAL B 246 11.59 -31.11 0.25
N ILE B 247 10.33 -30.74 0.35
CA ILE B 247 9.42 -31.40 1.26
C ILE B 247 8.31 -32.04 0.42
N TYR B 248 8.11 -33.34 0.58
CA TYR B 248 7.01 -34.02 -0.13
C TYR B 248 5.93 -34.49 0.82
N HIS B 249 4.72 -33.94 0.65
CA HIS B 249 3.52 -34.40 1.37
C HIS B 249 2.87 -35.49 0.59
N GLN B 250 2.67 -36.63 1.26
CA GLN B 250 2.33 -37.90 0.59
C GLN B 250 0.86 -38.07 0.23
N HIS B 251 -0.05 -37.50 1.01
CA HIS B 251 -1.47 -37.64 0.73
C HIS B 251 -1.94 -36.74 -0.38
N ALA B 252 -1.81 -35.43 -0.21
CA ALA B 252 -2.19 -34.49 -1.25
C ALA B 252 -1.23 -34.50 -2.46
N HIS B 253 -0.10 -35.21 -2.32
CA HIS B 253 0.95 -35.33 -3.36
C HIS B 253 1.56 -33.99 -3.69
N ILE B 254 1.90 -33.21 -2.66
CA ILE B 254 2.45 -31.89 -2.85
C ILE B 254 3.97 -31.96 -2.77
N SER B 255 4.66 -31.35 -3.74
CA SER B 255 6.12 -31.17 -3.70
C SER B 255 6.44 -29.70 -3.49
N ILE B 256 7.25 -29.41 -2.48
CA ILE B 256 7.71 -28.06 -2.19
C ILE B 256 9.20 -27.99 -2.52
N ILE B 257 9.53 -27.37 -3.65
CA ILE B 257 10.94 -27.24 -4.03
C ILE B 257 11.47 -25.89 -3.54
N TYR B 258 12.34 -25.94 -2.54
CA TYR B 258 12.95 -24.77 -1.96
C TYR B 258 14.37 -24.57 -2.52
N LYS B 259 14.48 -23.77 -3.58
CA LYS B 259 15.75 -23.57 -4.28
C LYS B 259 16.38 -22.29 -3.80
N ALA B 260 17.71 -22.29 -3.74
CA ALA B 260 18.48 -21.08 -3.44
C ALA B 260 19.71 -21.04 -4.31
N ASP B 261 20.12 -19.84 -4.71
CA ASP B 261 21.30 -19.64 -5.57
C ASP B 261 22.64 -19.99 -4.90
N GLU B 262 23.73 -19.77 -5.65
CA GLU B 262 25.09 -20.21 -5.30
C GLU B 262 25.68 -19.52 -4.06
N GLN B 263 25.11 -18.40 -3.64
CA GLN B 263 25.57 -17.72 -2.42
C GLN B 263 25.09 -18.47 -1.18
N PHE B 264 23.94 -19.13 -1.28
CA PHE B 264 23.43 -19.90 -0.14
C PHE B 264 24.19 -21.21 0.02
N LYS B 265 25.29 -21.12 0.77
CA LYS B 265 26.27 -22.19 0.88
C LYS B 265 26.02 -23.13 2.06
N HIS B 266 25.07 -22.80 2.94
CA HIS B 266 24.76 -23.73 4.03
C HIS B 266 23.29 -23.83 4.26
N TRP B 267 22.88 -24.89 4.95
CA TRP B 267 21.47 -25.14 5.24
C TRP B 267 21.33 -25.67 6.61
N VAL B 268 20.80 -24.86 7.54
CA VAL B 268 20.43 -25.38 8.85
C VAL B 268 19.11 -26.11 8.68
N VAL B 269 19.02 -27.32 9.21
CA VAL B 269 17.76 -28.04 9.29
C VAL B 269 17.44 -28.19 10.78
N TYR B 270 16.20 -27.82 11.14
CA TYR B 270 15.73 -27.79 12.51
C TYR B 270 14.29 -28.24 12.61
N ASN B 271 14.00 -29.17 13.51
CA ASN B 271 12.64 -29.64 13.73
C ASN B 271 12.27 -29.83 15.21
N ALA B 272 12.96 -29.10 16.09
CA ALA B 272 12.71 -29.19 17.54
C ALA B 272 12.88 -30.63 18.05
N ASP B 273 11.90 -31.16 18.80
CA ASP B 273 12.03 -32.53 19.33
C ASP B 273 11.45 -33.56 18.36
N GLY B 274 11.00 -33.07 17.20
CA GLY B 274 10.41 -33.92 16.18
C GLY B 274 8.91 -34.15 16.30
N LYS B 275 8.33 -33.81 17.44
CA LYS B 275 6.88 -34.01 17.68
C LYS B 275 6.05 -32.76 17.35
N GLN B 276 6.74 -31.67 17.01
CA GLN B 276 6.12 -30.35 16.90
C GLN B 276 5.39 -30.03 15.59
N GLY B 277 5.48 -30.94 14.61
CA GLY B 277 4.72 -30.83 13.37
C GLY B 277 5.30 -29.90 12.31
N TYR B 278 6.52 -29.41 12.54
CA TYR B 278 7.12 -28.47 11.58
C TYR B 278 8.55 -28.82 11.17
N LEU B 279 8.99 -28.25 10.04
CA LEU B 279 10.37 -28.37 9.61
C LEU B 279 10.94 -27.02 9.18
N CYS B 280 12.16 -26.73 9.62
CA CYS B 280 12.86 -25.53 9.18
C CYS B 280 14.09 -25.84 8.31
N PRO B 281 13.90 -25.83 6.98
CA PRO B 281 15.03 -25.89 6.07
C PRO B 281 15.55 -24.48 5.81
N GLU B 282 16.70 -24.17 6.38
CA GLU B 282 17.17 -22.80 6.44
C GLU B 282 18.35 -22.53 5.52
N PRO B 283 18.11 -21.84 4.41
CA PRO B 283 19.22 -21.45 3.53
C PRO B 283 20.03 -20.25 4.04
N TYR B 284 21.31 -20.48 4.33
CA TYR B 284 22.25 -19.44 4.77
C TYR B 284 23.26 -19.10 3.70
N THR B 285 23.55 -17.82 3.52
CA THR B 285 24.69 -17.39 2.70
C THR B 285 25.99 -17.60 3.46
N TRP B 286 25.93 -17.60 4.79
CA TRP B 286 27.11 -17.99 5.57
C TRP B 286 26.89 -19.03 6.64
N VAL B 287 27.94 -19.76 7.00
CA VAL B 287 27.85 -20.78 8.05
C VAL B 287 27.83 -20.11 9.41
N THR B 288 27.24 -20.75 10.40
CA THR B 288 27.19 -20.18 11.75
C THR B 288 28.55 -19.70 12.21
N ASN B 289 28.57 -18.51 12.82
CA ASN B 289 29.80 -17.91 13.35
C ASN B 289 30.92 -17.77 12.29
N ALA B 290 30.53 -17.54 11.04
CA ALA B 290 31.50 -17.44 9.92
C ALA B 290 32.52 -16.35 10.18
N VAL B 291 32.08 -15.36 10.96
CA VAL B 291 32.86 -14.20 11.34
C VAL B 291 34.07 -14.51 12.25
N ASN B 292 34.00 -15.64 12.95
CA ASN B 292 35.03 -16.05 13.88
C ASN B 292 35.82 -17.28 13.41
N LEU B 293 35.62 -17.66 12.15
CA LEU B 293 36.31 -18.82 11.57
C LEU B 293 37.46 -18.38 10.66
N ASP B 294 38.66 -18.79 11.00
CA ASP B 294 39.81 -18.59 10.12
C ASP B 294 39.81 -19.61 9.00
N LEU B 295 38.71 -19.67 8.24
CA LEU B 295 38.59 -20.58 7.10
C LEU B 295 38.34 -19.76 5.84
N PRO B 296 38.62 -20.35 4.66
CA PRO B 296 38.53 -19.60 3.38
C PRO B 296 37.10 -19.09 3.09
N SER B 297 36.99 -17.89 2.56
CA SER B 297 35.67 -17.30 2.34
C SER B 297 34.77 -18.06 1.35
N SER B 298 35.37 -18.80 0.41
CA SER B 298 34.60 -19.62 -0.56
C SER B 298 33.87 -20.77 0.15
N LEU B 299 34.33 -21.08 1.36
CA LEU B 299 33.76 -22.13 2.19
C LEU B 299 32.83 -21.55 3.27
N THR B 300 33.26 -20.50 3.94
CA THR B 300 32.40 -19.95 5.00
C THR B 300 31.20 -19.20 4.46
N GLY B 301 31.31 -18.70 3.23
CA GLY B 301 30.28 -17.85 2.63
C GLY B 301 30.23 -16.40 3.10
N LEU B 302 31.18 -16.06 3.96
CA LEU B 302 31.41 -14.69 4.41
C LEU B 302 31.51 -13.78 3.20
N GLN B 303 30.71 -12.71 3.20
CA GLN B 303 30.71 -11.74 2.12
C GLN B 303 30.96 -10.33 2.63
N VAL B 304 31.52 -9.48 1.77
CA VAL B 304 31.85 -8.11 2.18
C VAL B 304 31.27 -7.15 1.17
N LEU B 305 30.71 -6.05 1.67
CA LEU B 305 30.24 -4.99 0.80
C LEU B 305 31.07 -3.71 0.95
N GLU B 306 31.63 -3.25 -0.16
CA GLU B 306 32.31 -1.97 -0.19
C GLU B 306 31.30 -0.83 -0.26
N PRO B 307 31.68 0.38 0.19
CA PRO B 307 30.83 1.57 0.06
C PRO B 307 30.20 1.69 -1.35
N GLY B 308 28.88 1.78 -1.41
CA GLY B 308 28.18 1.96 -2.69
C GLY B 308 27.87 0.70 -3.48
N GLU B 309 28.24 -0.46 -2.94
CA GLU B 309 27.92 -1.75 -3.57
C GLU B 309 26.59 -2.32 -3.12
N GLU B 310 26.00 -3.15 -3.97
CA GLU B 310 24.86 -3.98 -3.60
C GLU B 310 25.02 -5.37 -4.15
N THR B 311 24.43 -6.34 -3.44
CA THR B 311 24.40 -7.76 -3.81
C THR B 311 22.97 -8.26 -3.66
N THR B 312 22.48 -8.98 -4.67
CA THR B 312 21.16 -9.61 -4.55
C THR B 312 21.30 -11.13 -4.32
N ALA B 313 20.63 -11.67 -3.31
CA ALA B 313 20.70 -13.14 -3.06
C ALA B 313 19.35 -13.79 -3.32
N LYS B 314 19.34 -14.80 -4.18
CA LYS B 314 18.09 -15.33 -4.72
C LYS B 314 17.72 -16.73 -4.22
N SER B 315 16.52 -16.83 -3.66
CA SER B 315 15.93 -18.12 -3.31
C SER B 315 14.52 -18.21 -3.89
N SER B 316 13.94 -19.41 -4.01
CA SER B 316 12.56 -19.54 -4.42
C SER B 316 11.89 -20.79 -3.85
N ILE B 317 10.57 -20.73 -3.72
CA ILE B 317 9.75 -21.86 -3.28
C ILE B 317 8.74 -22.20 -4.37
N THR B 318 8.84 -23.42 -4.91
CA THR B 318 7.96 -23.89 -5.97
C THR B 318 7.09 -25.05 -5.50
N ILE B 319 5.80 -24.98 -5.84
CA ILE B 319 4.82 -25.98 -5.43
C ILE B 319 4.38 -26.77 -6.66
N GLU B 320 4.55 -28.10 -6.60
CA GLU B 320 4.18 -29.04 -7.66
C GLU B 320 3.23 -30.10 -7.12
N LEU B 321 2.24 -30.50 -7.91
CA LEU B 321 1.36 -31.62 -7.55
C LEU B 321 1.34 -32.69 -8.65
N ASN B 322 0.90 -33.90 -8.31
CA ASN B 322 0.98 -35.02 -9.27
C ASN B 322 -0.05 -36.12 -9.10
N HIS B 323 0.22 -37.23 -9.80
CA HIS B 323 -0.63 -38.42 -9.80
C HIS B 323 0.19 -39.68 -9.92
#